data_2Z41
# 
_entry.id   2Z41 
# 
_audit_conform.dict_name       mmcif_pdbx.dic 
_audit_conform.dict_version    5.388 
_audit_conform.dict_location   http://mmcif.pdb.org/dictionaries/ascii/mmcif_pdbx.dic 
# 
loop_
_database_2.database_id 
_database_2.database_code 
_database_2.pdbx_database_accession 
_database_2.pdbx_DOI 
PDB   2Z41         pdb_00002z41 10.2210/pdb2z41/pdb 
RCSB  RCSB027493   ?            ?                   
WWPDB D_1000027493 ?            ?                   
# 
loop_
_pdbx_audit_revision_history.ordinal 
_pdbx_audit_revision_history.data_content_type 
_pdbx_audit_revision_history.major_revision 
_pdbx_audit_revision_history.minor_revision 
_pdbx_audit_revision_history.revision_date 
1 'Structure model' 1 0 2008-04-08 
2 'Structure model' 1 1 2011-07-13 
3 'Structure model' 1 2 2024-03-13 
# 
_pdbx_audit_revision_details.ordinal             1 
_pdbx_audit_revision_details.revision_ordinal    1 
_pdbx_audit_revision_details.data_content_type   'Structure model' 
_pdbx_audit_revision_details.provider            repository 
_pdbx_audit_revision_details.type                'Initial release' 
_pdbx_audit_revision_details.description         ? 
_pdbx_audit_revision_details.details             ? 
# 
loop_
_pdbx_audit_revision_group.ordinal 
_pdbx_audit_revision_group.revision_ordinal 
_pdbx_audit_revision_group.data_content_type 
_pdbx_audit_revision_group.group 
1 2 'Structure model' 'Source and taxonomy'       
2 2 'Structure model' 'Version format compliance' 
3 3 'Structure model' 'Data collection'           
4 3 'Structure model' 'Database references'       
# 
loop_
_pdbx_audit_revision_category.ordinal 
_pdbx_audit_revision_category.revision_ordinal 
_pdbx_audit_revision_category.data_content_type 
_pdbx_audit_revision_category.category 
1 3 'Structure model' chem_comp_atom 
2 3 'Structure model' database_2     
3 3 'Structure model' struct_ref_seq 
# 
loop_
_pdbx_audit_revision_item.ordinal 
_pdbx_audit_revision_item.revision_ordinal 
_pdbx_audit_revision_item.data_content_type 
_pdbx_audit_revision_item.item 
1 3 'Structure model' '_database_2.pdbx_DOI'                
2 3 'Structure model' '_database_2.pdbx_database_accession' 
3 3 'Structure model' '_struct_ref_seq.db_align_beg'        
4 3 'Structure model' '_struct_ref_seq.db_align_end'        
# 
_pdbx_database_status.status_code                     REL 
_pdbx_database_status.entry_id                        2Z41 
_pdbx_database_status.recvd_initial_deposition_date   2007-06-12 
_pdbx_database_status.deposit_site                    PDBJ 
_pdbx_database_status.process_site                    PDBJ 
_pdbx_database_status.status_code_sf                  REL 
_pdbx_database_status.status_code_mr                  ? 
_pdbx_database_status.SG_entry                        ? 
_pdbx_database_status.pdb_format_compatible           Y 
_pdbx_database_status.status_code_cs                  ? 
_pdbx_database_status.status_code_nmr_data            ? 
_pdbx_database_status.methods_development_category    ? 
# 
loop_
_audit_author.name 
_audit_author.pdbx_ordinal 
'Nakashima, T.' 1 
'Zhang, X.'     2 
'Kakuta, Y.'    3 
'Yao, M.'       4 
'Tanaka, I.'    5 
'Kimura, M.'    6 
# 
_citation.id                        primary 
_citation.title                     'Crystal structure of an archaeal Ski2p-like protein from Pyrococcus horikoshii OT3' 
_citation.journal_abbrev            'Protein Sci.' 
_citation.journal_volume            17 
_citation.page_first                136 
_citation.page_last                 145 
_citation.year                      2008 
_citation.journal_id_ASTM           PRCIEI 
_citation.country                   US 
_citation.journal_id_ISSN           0961-8368 
_citation.journal_id_CSD            0795 
_citation.book_publisher            ? 
_citation.pdbx_database_id_PubMed   18042682 
_citation.pdbx_database_id_DOI      10.1110/ps.073107008 
# 
loop_
_citation_author.citation_id 
_citation_author.name 
_citation_author.ordinal 
_citation_author.identifier_ORCID 
primary 'Zhang, X.'     1 ? 
primary 'Nakashima, T.' 2 ? 
primary 'Kakuta, Y.'    3 ? 
primary 'Yao, M.'       4 ? 
primary 'Tanaka, I.'    5 ? 
primary 'Kimura, M.'    6 ? 
# 
loop_
_entity.id 
_entity.type 
_entity.src_method 
_entity.pdbx_description 
_entity.formula_weight 
_entity.pdbx_number_of_molecules 
_entity.pdbx_ec 
_entity.pdbx_mutation 
_entity.pdbx_fragment 
_entity.details 
1 polymer     man 'putative ski2-type helicase' 55166.117 1 3.6.1.- ? ? ? 
2 non-polymer syn 'MAGNESIUM ION'               24.305    1 ?       ? ? ? 
# 
_entity_poly.entity_id                      1 
_entity_poly.type                           'polypeptide(L)' 
_entity_poly.nstd_linkage                   no 
_entity_poly.nstd_monomer                   no 
_entity_poly.pdbx_seq_one_letter_code       
;(UNK)(UNK)(UNK)(UNK)(UNK)(UNK)(UNK)(UNK)(UNK)(UNK)(UNK)(UNK)(UNK)(UNK)(UNK)(UNK)
(UNK)(UNK)(UNK)(UNK)(UNK)(UNK)(UNK)(UNK)(UNK)(UNK)(UNK)(UNK)(UNK)(UNK)(UNK)(UNK)
(UNK)(UNK)(UNK)(UNK)(UNK)(UNK)(UNK)(UNK)(UNK)(UNK)(UNK)(UNK)(UNK)(UNK)(UNK)(UNK)
(UNK)(UNK)(UNK)(UNK)(UNK)(UNK)(UNK)(UNK)(UNK)(UNK)(UNK)(UNK)(UNK)(UNK)(UNK)(UNK)
(UNK)(UNK)(UNK)(UNK)(UNK)(UNK)(UNK)(UNK)(UNK)(UNK)(UNK)(UNK)(UNK)(UNK)(UNK)(UNK)
(UNK)(UNK)(UNK)(UNK)(UNK)(UNK)(UNK)(UNK)(UNK)(UNK)(UNK)(UNK)(UNK)(UNK)(UNK)(UNK)
(UNK)(UNK)(UNK)(UNK)(UNK)(UNK)(UNK)(UNK)(UNK)(UNK)(UNK)(UNK)(UNK)(UNK)(UNK)(UNK)
(UNK)(UNK)(UNK)(UNK)(UNK)(UNK)(UNK)(UNK)(UNK)(UNK)(UNK)(UNK)(UNK)(UNK)(UNK)(UNK)
(UNK)(UNK)(UNK)(UNK)(UNK)(UNK)(UNK)(UNK)(UNK)(UNK)(UNK)(UNK)(UNK)(UNK)(UNK)(UNK)
(UNK)(UNK)(UNK)(UNK)(UNK)(UNK)(UNK)(UNK)(UNK)(UNK)(UNK)(UNK)(UNK)(UNK)(UNK)(UNK)
(UNK)(UNK)(UNK)(UNK)(UNK)(UNK)(UNK)(UNK)(UNK)(UNK)(UNK)(UNK)(UNK)(UNK)(UNK)(UNK)
(UNK)(UNK)(UNK)(UNK)(UNK)(UNK)(UNK)(UNK)(UNK)(UNK)(UNK)(UNK)(UNK)(UNK)(UNK)(UNK)
(UNK)(UNK)(UNK)(UNK)(UNK)(UNK)(UNK)(UNK)(UNK)(UNK)(UNK)(UNK)(UNK)(UNK)(UNK)(UNK)
(UNK)(UNK)(UNK)(UNK)(UNK)(UNK)(UNK)(UNK)(UNK)(UNK)(UNK)(UNK)(UNK)(UNK)(UNK)(UNK)
(UNK)(UNK)(UNK)(UNK)(UNK)(UNK)(UNK)(UNK)(UNK)(UNK)(UNK)(UNK)(UNK)(UNK)(UNK)(UNK)
(UNK)(UNK)(UNK)(UNK)(UNK)(UNK)(UNK)(UNK)(UNK)(UNK)(UNK)(UNK)(UNK)(UNK)(UNK)(UNK)
(UNK)(UNK)(UNK)(UNK)(UNK)(UNK)(UNK)(UNK)(UNK)(UNK)(UNK)(UNK)(UNK)(UNK)(UNK)(UNK)
(UNK)(UNK)(UNK)(UNK)(UNK)(UNK)(UNK)(UNK)(UNK)(UNK)(UNK)(UNK)(UNK)(UNK)(UNK)(UNK)
(UNK)(UNK)(UNK)(UNK)(UNK)(UNK)(UNK)(UNK)(UNK)(UNK)(UNK)(UNK)(UNK)(UNK)(UNK)(UNK)
(UNK)(UNK)(UNK)(UNK)(UNK)(UNK)(UNK)(UNK)(UNK)(UNK)(UNK)(UNK)(UNK)(UNK)(UNK)(UNK)
(UNK)(UNK)(UNK)(UNK)(UNK)(UNK)(UNK)(UNK)(UNK)(UNK)(UNK)(UNK)(UNK)(UNK)(UNK)(UNK)
(UNK)(UNK)(UNK)(UNK)(UNK)(UNK)(UNK)(UNK)(UNK)(UNK)(UNK)(UNK)(UNK)(UNK)(UNK)(UNK)
(UNK)(UNK)(UNK)(UNK)(UNK)(UNK)(UNK)(UNK)(UNK)(UNK)(UNK)(UNK)(UNK)(UNK)(UNK)(UNK)
(UNK)(UNK)(UNK)(UNK)(UNK)(UNK)(UNK)(UNK)(UNK)(UNK)(UNK)(UNK)(UNK)(UNK)(UNK)(UNK)
(UNK)(UNK)(UNK)(UNK)(UNK)(UNK)(UNK)(UNK)(UNK)(UNK)(UNK)(UNK)(UNK)(UNK)(UNK)(UNK)
(UNK)(UNK)(UNK)(UNK)(UNK)(UNK)(UNK)(UNK)(UNK)(UNK)(UNK)(UNK)(UNK)(UNK)(UNK)(UNK)
(UNK)(UNK)(UNK)(UNK)(UNK)(UNK)(UNK)(UNK)(UNK)(UNK)(UNK)(UNK)(UNK)(UNK)(UNK)(UNK)
(UNK)(UNK)(UNK)(UNK)(UNK)(UNK)(UNK)(UNK)(UNK)(UNK)(UNK)(UNK)(UNK)(UNK)(UNK)(UNK)
(UNK)(UNK)(UNK)(UNK)(UNK)(UNK)(UNK)(UNK)(UNK)(UNK)(UNK)(UNK)(UNK)(UNK)(UNK)(UNK)
(UNK)(UNK)(UNK)(UNK)(UNK)(UNK)(UNK)(UNK)(UNK)(UNK)(UNK)(UNK)(UNK)(UNK)(UNK)(UNK)
(UNK)(UNK)(UNK)(UNK)(UNK)(UNK)(UNK)(UNK)(UNK)(UNK)(UNK)(UNK)(UNK)(UNK)(UNK)(UNK)
(UNK)(UNK)(UNK)(UNK)(UNK)(UNK)(UNK)(UNK)(UNK)(UNK)(UNK)(UNK)(UNK)(UNK)(UNK)(UNK)
(UNK)(UNK)(UNK)(UNK)(UNK)(UNK)(UNK)(UNK)(UNK)(UNK)(UNK)(UNK)(UNK)(UNK)(UNK)(UNK)
(UNK)(UNK)(UNK)(UNK)(UNK)(UNK)(UNK)(UNK)(UNK)(UNK)(UNK)(UNK)(UNK)(UNK)(UNK)(UNK)
(UNK)(UNK)(UNK)(UNK)(UNK)(UNK)(UNK)(UNK)(UNK)(UNK)(UNK)(UNK)(UNK)(UNK)(UNK)(UNK)
(UNK)(UNK)(UNK)(UNK)(UNK)(UNK)(UNK)(UNK)(UNK)(UNK)(UNK)(UNK)(UNK)(UNK)(UNK)(UNK)
(UNK)(UNK)(UNK)(UNK)(UNK)(UNK)(UNK)(UNK)(UNK)(UNK)(UNK)(UNK)(UNK)(UNK)(UNK)(UNK)
(UNK)(UNK)(UNK)(UNK)(UNK)(UNK)(UNK)(UNK)(UNK)(UNK)(UNK)(UNK)(UNK)(UNK)(UNK)(UNK)
(UNK)(UNK)(UNK)(UNK)(UNK)(UNK)(UNK)(UNK)(UNK)(UNK)(UNK)(UNK)(UNK)(UNK)(UNK)(UNK)
(UNK)(UNK)(UNK)(UNK)(UNK)(UNK)(UNK)(UNK)(UNK)(UNK)(UNK)(UNK)(UNK)(UNK)(UNK)(UNK)
(UNK)(UNK)(UNK)(UNK)(UNK)(UNK)(UNK)(UNK)
;
_entity_poly.pdbx_seq_one_letter_code_can   
;XXXXXXXXXXXXXXXXXXXXXXXXXXXXXXXXXXXXXXXXXXXXXXXXXXXXXXXXXXXXXXXXXXXXXXXXXXXXXXXX
XXXXXXXXXXXXXXXXXXXXXXXXXXXXXXXXXXXXXXXXXXXXXXXXXXXXXXXXXXXXXXXXXXXXXXXXXXXXXXXX
XXXXXXXXXXXXXXXXXXXXXXXXXXXXXXXXXXXXXXXXXXXXXXXXXXXXXXXXXXXXXXXXXXXXXXXXXXXXXXXX
XXXXXXXXXXXXXXXXXXXXXXXXXXXXXXXXXXXXXXXXXXXXXXXXXXXXXXXXXXXXXXXXXXXXXXXXXXXXXXXX
XXXXXXXXXXXXXXXXXXXXXXXXXXXXXXXXXXXXXXXXXXXXXXXXXXXXXXXXXXXXXXXXXXXXXXXXXXXXXXXX
XXXXXXXXXXXXXXXXXXXXXXXXXXXXXXXXXXXXXXXXXXXXXXXXXXXXXXXXXXXXXXXXXXXXXXXXXXXXXXXX
XXXXXXXXXXXXXXXXXXXXXXXXXXXXXXXXXXXXXXXXXXXXXXXXXXXXXXXXXXXXXXXXXXXXXXXXXXXXXXXX
XXXXXXXXXXXXXXXXXXXXXXXXXXXXXXXXXXXXXXXXXXXXXXXXXXXXXXXXXXXXXXXXXXXXXXXXXXXXXXXX
XXXXXXXX
;
_entity_poly.pdbx_strand_id                 A 
_entity_poly.pdbx_target_identifier         ? 
# 
_pdbx_entity_nonpoly.entity_id   2 
_pdbx_entity_nonpoly.name        'MAGNESIUM ION' 
_pdbx_entity_nonpoly.comp_id     MG 
# 
loop_
_entity_poly_seq.entity_id 
_entity_poly_seq.num 
_entity_poly_seq.mon_id 
_entity_poly_seq.hetero 
1 1   UNK n 
1 2   UNK n 
1 3   UNK n 
1 4   UNK n 
1 5   UNK n 
1 6   UNK n 
1 7   UNK n 
1 8   UNK n 
1 9   UNK n 
1 10  UNK n 
1 11  UNK n 
1 12  UNK n 
1 13  UNK n 
1 14  UNK n 
1 15  UNK n 
1 16  UNK n 
1 17  UNK n 
1 18  UNK n 
1 19  UNK n 
1 20  UNK n 
1 21  UNK n 
1 22  UNK n 
1 23  UNK n 
1 24  UNK n 
1 25  UNK n 
1 26  UNK n 
1 27  UNK n 
1 28  UNK n 
1 29  UNK n 
1 30  UNK n 
1 31  UNK n 
1 32  UNK n 
1 33  UNK n 
1 34  UNK n 
1 35  UNK n 
1 36  UNK n 
1 37  UNK n 
1 38  UNK n 
1 39  UNK n 
1 40  UNK n 
1 41  UNK n 
1 42  UNK n 
1 43  UNK n 
1 44  UNK n 
1 45  UNK n 
1 46  UNK n 
1 47  UNK n 
1 48  UNK n 
1 49  UNK n 
1 50  UNK n 
1 51  UNK n 
1 52  UNK n 
1 53  UNK n 
1 54  UNK n 
1 55  UNK n 
1 56  UNK n 
1 57  UNK n 
1 58  UNK n 
1 59  UNK n 
1 60  UNK n 
1 61  UNK n 
1 62  UNK n 
1 63  UNK n 
1 64  UNK n 
1 65  UNK n 
1 66  UNK n 
1 67  UNK n 
1 68  UNK n 
1 69  UNK n 
1 70  UNK n 
1 71  UNK n 
1 72  UNK n 
1 73  UNK n 
1 74  UNK n 
1 75  UNK n 
1 76  UNK n 
1 77  UNK n 
1 78  UNK n 
1 79  UNK n 
1 80  UNK n 
1 81  UNK n 
1 82  UNK n 
1 83  UNK n 
1 84  UNK n 
1 85  UNK n 
1 86  UNK n 
1 87  UNK n 
1 88  UNK n 
1 89  UNK n 
1 90  UNK n 
1 91  UNK n 
1 92  UNK n 
1 93  UNK n 
1 94  UNK n 
1 95  UNK n 
1 96  UNK n 
1 97  UNK n 
1 98  UNK n 
1 99  UNK n 
1 100 UNK n 
1 101 UNK n 
1 102 UNK n 
1 103 UNK n 
1 104 UNK n 
1 105 UNK n 
1 106 UNK n 
1 107 UNK n 
1 108 UNK n 
1 109 UNK n 
1 110 UNK n 
1 111 UNK n 
1 112 UNK n 
1 113 UNK n 
1 114 UNK n 
1 115 UNK n 
1 116 UNK n 
1 117 UNK n 
1 118 UNK n 
1 119 UNK n 
1 120 UNK n 
1 121 UNK n 
1 122 UNK n 
1 123 UNK n 
1 124 UNK n 
1 125 UNK n 
1 126 UNK n 
1 127 UNK n 
1 128 UNK n 
1 129 UNK n 
1 130 UNK n 
1 131 UNK n 
1 132 UNK n 
1 133 UNK n 
1 134 UNK n 
1 135 UNK n 
1 136 UNK n 
1 137 UNK n 
1 138 UNK n 
1 139 UNK n 
1 140 UNK n 
1 141 UNK n 
1 142 UNK n 
1 143 UNK n 
1 144 UNK n 
1 145 UNK n 
1 146 UNK n 
1 147 UNK n 
1 148 UNK n 
1 149 UNK n 
1 150 UNK n 
1 151 UNK n 
1 152 UNK n 
1 153 UNK n 
1 154 UNK n 
1 155 UNK n 
1 156 UNK n 
1 157 UNK n 
1 158 UNK n 
1 159 UNK n 
1 160 UNK n 
1 161 UNK n 
1 162 UNK n 
1 163 UNK n 
1 164 UNK n 
1 165 UNK n 
1 166 UNK n 
1 167 UNK n 
1 168 UNK n 
1 169 UNK n 
1 170 UNK n 
1 171 UNK n 
1 172 UNK n 
1 173 UNK n 
1 174 UNK n 
1 175 UNK n 
1 176 UNK n 
1 177 UNK n 
1 178 UNK n 
1 179 UNK n 
1 180 UNK n 
1 181 UNK n 
1 182 UNK n 
1 183 UNK n 
1 184 UNK n 
1 185 UNK n 
1 186 UNK n 
1 187 UNK n 
1 188 UNK n 
1 189 UNK n 
1 190 UNK n 
1 191 UNK n 
1 192 UNK n 
1 193 UNK n 
1 194 UNK n 
1 195 UNK n 
1 196 UNK n 
1 197 UNK n 
1 198 UNK n 
1 199 UNK n 
1 200 UNK n 
1 201 UNK n 
1 202 UNK n 
1 203 UNK n 
1 204 UNK n 
1 205 UNK n 
1 206 UNK n 
1 207 UNK n 
1 208 UNK n 
1 209 UNK n 
1 210 UNK n 
1 211 UNK n 
1 212 UNK n 
1 213 UNK n 
1 214 UNK n 
1 215 UNK n 
1 216 UNK n 
1 217 UNK n 
1 218 UNK n 
1 219 UNK n 
1 220 UNK n 
1 221 UNK n 
1 222 UNK n 
1 223 UNK n 
1 224 UNK n 
1 225 UNK n 
1 226 UNK n 
1 227 UNK n 
1 228 UNK n 
1 229 UNK n 
1 230 UNK n 
1 231 UNK n 
1 232 UNK n 
1 233 UNK n 
1 234 UNK n 
1 235 UNK n 
1 236 UNK n 
1 237 UNK n 
1 238 UNK n 
1 239 UNK n 
1 240 UNK n 
1 241 UNK n 
1 242 UNK n 
1 243 UNK n 
1 244 UNK n 
1 245 UNK n 
1 246 UNK n 
1 247 UNK n 
1 248 UNK n 
1 249 UNK n 
1 250 UNK n 
1 251 UNK n 
1 252 UNK n 
1 253 UNK n 
1 254 UNK n 
1 255 UNK n 
1 256 UNK n 
1 257 UNK n 
1 258 UNK n 
1 259 UNK n 
1 260 UNK n 
1 261 UNK n 
1 262 UNK n 
1 263 UNK n 
1 264 UNK n 
1 265 UNK n 
1 266 UNK n 
1 267 UNK n 
1 268 UNK n 
1 269 UNK n 
1 270 UNK n 
1 271 UNK n 
1 272 UNK n 
1 273 UNK n 
1 274 UNK n 
1 275 UNK n 
1 276 UNK n 
1 277 UNK n 
1 278 UNK n 
1 279 UNK n 
1 280 UNK n 
1 281 UNK n 
1 282 UNK n 
1 283 UNK n 
1 284 UNK n 
1 285 UNK n 
1 286 UNK n 
1 287 UNK n 
1 288 UNK n 
1 289 UNK n 
1 290 UNK n 
1 291 UNK n 
1 292 UNK n 
1 293 UNK n 
1 294 UNK n 
1 295 UNK n 
1 296 UNK n 
1 297 UNK n 
1 298 UNK n 
1 299 UNK n 
1 300 UNK n 
1 301 UNK n 
1 302 UNK n 
1 303 UNK n 
1 304 UNK n 
1 305 UNK n 
1 306 UNK n 
1 307 UNK n 
1 308 UNK n 
1 309 UNK n 
1 310 UNK n 
1 311 UNK n 
1 312 UNK n 
1 313 UNK n 
1 314 UNK n 
1 315 UNK n 
1 316 UNK n 
1 317 UNK n 
1 318 UNK n 
1 319 UNK n 
1 320 UNK n 
1 321 UNK n 
1 322 UNK n 
1 323 UNK n 
1 324 UNK n 
1 325 UNK n 
1 326 UNK n 
1 327 UNK n 
1 328 UNK n 
1 329 UNK n 
1 330 UNK n 
1 331 UNK n 
1 332 UNK n 
1 333 UNK n 
1 334 UNK n 
1 335 UNK n 
1 336 UNK n 
1 337 UNK n 
1 338 UNK n 
1 339 UNK n 
1 340 UNK n 
1 341 UNK n 
1 342 UNK n 
1 343 UNK n 
1 344 UNK n 
1 345 UNK n 
1 346 UNK n 
1 347 UNK n 
1 348 UNK n 
1 349 UNK n 
1 350 UNK n 
1 351 UNK n 
1 352 UNK n 
1 353 UNK n 
1 354 UNK n 
1 355 UNK n 
1 356 UNK n 
1 357 UNK n 
1 358 UNK n 
1 359 UNK n 
1 360 UNK n 
1 361 UNK n 
1 362 UNK n 
1 363 UNK n 
1 364 UNK n 
1 365 UNK n 
1 366 UNK n 
1 367 UNK n 
1 368 UNK n 
1 369 UNK n 
1 370 UNK n 
1 371 UNK n 
1 372 UNK n 
1 373 UNK n 
1 374 UNK n 
1 375 UNK n 
1 376 UNK n 
1 377 UNK n 
1 378 UNK n 
1 379 UNK n 
1 380 UNK n 
1 381 UNK n 
1 382 UNK n 
1 383 UNK n 
1 384 UNK n 
1 385 UNK n 
1 386 UNK n 
1 387 UNK n 
1 388 UNK n 
1 389 UNK n 
1 390 UNK n 
1 391 UNK n 
1 392 UNK n 
1 393 UNK n 
1 394 UNK n 
1 395 UNK n 
1 396 UNK n 
1 397 UNK n 
1 398 UNK n 
1 399 UNK n 
1 400 UNK n 
1 401 UNK n 
1 402 UNK n 
1 403 UNK n 
1 404 UNK n 
1 405 UNK n 
1 406 UNK n 
1 407 UNK n 
1 408 UNK n 
1 409 UNK n 
1 410 UNK n 
1 411 UNK n 
1 412 UNK n 
1 413 UNK n 
1 414 UNK n 
1 415 UNK n 
1 416 UNK n 
1 417 UNK n 
1 418 UNK n 
1 419 UNK n 
1 420 UNK n 
1 421 UNK n 
1 422 UNK n 
1 423 UNK n 
1 424 UNK n 
1 425 UNK n 
1 426 UNK n 
1 427 UNK n 
1 428 UNK n 
1 429 UNK n 
1 430 UNK n 
1 431 UNK n 
1 432 UNK n 
1 433 UNK n 
1 434 UNK n 
1 435 UNK n 
1 436 UNK n 
1 437 UNK n 
1 438 UNK n 
1 439 UNK n 
1 440 UNK n 
1 441 UNK n 
1 442 UNK n 
1 443 UNK n 
1 444 UNK n 
1 445 UNK n 
1 446 UNK n 
1 447 UNK n 
1 448 UNK n 
1 449 UNK n 
1 450 UNK n 
1 451 UNK n 
1 452 UNK n 
1 453 UNK n 
1 454 UNK n 
1 455 UNK n 
1 456 UNK n 
1 457 UNK n 
1 458 UNK n 
1 459 UNK n 
1 460 UNK n 
1 461 UNK n 
1 462 UNK n 
1 463 UNK n 
1 464 UNK n 
1 465 UNK n 
1 466 UNK n 
1 467 UNK n 
1 468 UNK n 
1 469 UNK n 
1 470 UNK n 
1 471 UNK n 
1 472 UNK n 
1 473 UNK n 
1 474 UNK n 
1 475 UNK n 
1 476 UNK n 
1 477 UNK n 
1 478 UNK n 
1 479 UNK n 
1 480 UNK n 
1 481 UNK n 
1 482 UNK n 
1 483 UNK n 
1 484 UNK n 
1 485 UNK n 
1 486 UNK n 
1 487 UNK n 
1 488 UNK n 
1 489 UNK n 
1 490 UNK n 
1 491 UNK n 
1 492 UNK n 
1 493 UNK n 
1 494 UNK n 
1 495 UNK n 
1 496 UNK n 
1 497 UNK n 
1 498 UNK n 
1 499 UNK n 
1 500 UNK n 
1 501 UNK n 
1 502 UNK n 
1 503 UNK n 
1 504 UNK n 
1 505 UNK n 
1 506 UNK n 
1 507 UNK n 
1 508 UNK n 
1 509 UNK n 
1 510 UNK n 
1 511 UNK n 
1 512 UNK n 
1 513 UNK n 
1 514 UNK n 
1 515 UNK n 
1 516 UNK n 
1 517 UNK n 
1 518 UNK n 
1 519 UNK n 
1 520 UNK n 
1 521 UNK n 
1 522 UNK n 
1 523 UNK n 
1 524 UNK n 
1 525 UNK n 
1 526 UNK n 
1 527 UNK n 
1 528 UNK n 
1 529 UNK n 
1 530 UNK n 
1 531 UNK n 
1 532 UNK n 
1 533 UNK n 
1 534 UNK n 
1 535 UNK n 
1 536 UNK n 
1 537 UNK n 
1 538 UNK n 
1 539 UNK n 
1 540 UNK n 
1 541 UNK n 
1 542 UNK n 
1 543 UNK n 
1 544 UNK n 
1 545 UNK n 
1 546 UNK n 
1 547 UNK n 
1 548 UNK n 
1 549 UNK n 
1 550 UNK n 
1 551 UNK n 
1 552 UNK n 
1 553 UNK n 
1 554 UNK n 
1 555 UNK n 
1 556 UNK n 
1 557 UNK n 
1 558 UNK n 
1 559 UNK n 
1 560 UNK n 
1 561 UNK n 
1 562 UNK n 
1 563 UNK n 
1 564 UNK n 
1 565 UNK n 
1 566 UNK n 
1 567 UNK n 
1 568 UNK n 
1 569 UNK n 
1 570 UNK n 
1 571 UNK n 
1 572 UNK n 
1 573 UNK n 
1 574 UNK n 
1 575 UNK n 
1 576 UNK n 
1 577 UNK n 
1 578 UNK n 
1 579 UNK n 
1 580 UNK n 
1 581 UNK n 
1 582 UNK n 
1 583 UNK n 
1 584 UNK n 
1 585 UNK n 
1 586 UNK n 
1 587 UNK n 
1 588 UNK n 
1 589 UNK n 
1 590 UNK n 
1 591 UNK n 
1 592 UNK n 
1 593 UNK n 
1 594 UNK n 
1 595 UNK n 
1 596 UNK n 
1 597 UNK n 
1 598 UNK n 
1 599 UNK n 
1 600 UNK n 
1 601 UNK n 
1 602 UNK n 
1 603 UNK n 
1 604 UNK n 
1 605 UNK n 
1 606 UNK n 
1 607 UNK n 
1 608 UNK n 
1 609 UNK n 
1 610 UNK n 
1 611 UNK n 
1 612 UNK n 
1 613 UNK n 
1 614 UNK n 
1 615 UNK n 
1 616 UNK n 
1 617 UNK n 
1 618 UNK n 
1 619 UNK n 
1 620 UNK n 
1 621 UNK n 
1 622 UNK n 
1 623 UNK n 
1 624 UNK n 
1 625 UNK n 
1 626 UNK n 
1 627 UNK n 
1 628 UNK n 
1 629 UNK n 
1 630 UNK n 
1 631 UNK n 
1 632 UNK n 
1 633 UNK n 
1 634 UNK n 
1 635 UNK n 
1 636 UNK n 
1 637 UNK n 
1 638 UNK n 
1 639 UNK n 
1 640 UNK n 
1 641 UNK n 
1 642 UNK n 
1 643 UNK n 
1 644 UNK n 
1 645 UNK n 
1 646 UNK n 
1 647 UNK n 
1 648 UNK n 
# 
_entity_src_gen.entity_id                          1 
_entity_src_gen.pdbx_src_id                        1 
_entity_src_gen.pdbx_alt_source_flag               sample 
_entity_src_gen.pdbx_seq_type                      ? 
_entity_src_gen.pdbx_beg_seq_num                   ? 
_entity_src_gen.pdbx_end_seq_num                   ? 
_entity_src_gen.gene_src_common_name               ? 
_entity_src_gen.gene_src_genus                     Pyrococcus 
_entity_src_gen.pdbx_gene_src_gene                 PH1280 
_entity_src_gen.gene_src_species                   'Pyrococcus horikoshii' 
_entity_src_gen.gene_src_strain                    OT3 
_entity_src_gen.gene_src_tissue                    ? 
_entity_src_gen.gene_src_tissue_fraction           ? 
_entity_src_gen.gene_src_details                   ? 
_entity_src_gen.pdbx_gene_src_fragment             ? 
_entity_src_gen.pdbx_gene_src_scientific_name      'Pyrococcus horikoshii' 
_entity_src_gen.pdbx_gene_src_ncbi_taxonomy_id     70601 
_entity_src_gen.pdbx_gene_src_variant              ? 
_entity_src_gen.pdbx_gene_src_cell_line            ? 
_entity_src_gen.pdbx_gene_src_atcc                 ? 
_entity_src_gen.pdbx_gene_src_organ                ? 
_entity_src_gen.pdbx_gene_src_organelle            ? 
_entity_src_gen.pdbx_gene_src_cell                 ? 
_entity_src_gen.pdbx_gene_src_cellular_location    ? 
_entity_src_gen.host_org_common_name               ? 
_entity_src_gen.pdbx_host_org_scientific_name      'Escherichia coli BL21(DE3)' 
_entity_src_gen.pdbx_host_org_ncbi_taxonomy_id     469008 
_entity_src_gen.host_org_genus                     Escherichia 
_entity_src_gen.pdbx_host_org_gene                 ? 
_entity_src_gen.pdbx_host_org_organ                ? 
_entity_src_gen.host_org_species                   'Escherichia coli' 
_entity_src_gen.pdbx_host_org_tissue               ? 
_entity_src_gen.pdbx_host_org_tissue_fraction      ? 
_entity_src_gen.pdbx_host_org_strain               'BL21(DE3)' 
_entity_src_gen.pdbx_host_org_variant              ? 
_entity_src_gen.pdbx_host_org_cell_line            ? 
_entity_src_gen.pdbx_host_org_atcc                 ? 
_entity_src_gen.pdbx_host_org_culture_collection   ? 
_entity_src_gen.pdbx_host_org_cell                 ? 
_entity_src_gen.pdbx_host_org_organelle            ? 
_entity_src_gen.pdbx_host_org_cellular_location    ? 
_entity_src_gen.pdbx_host_org_vector_type          plasmid 
_entity_src_gen.pdbx_host_org_vector               ? 
_entity_src_gen.host_org_details                   ? 
_entity_src_gen.expression_system_id               ? 
_entity_src_gen.plasmid_name                       pET-22b 
_entity_src_gen.plasmid_details                    ? 
_entity_src_gen.pdbx_description                   ? 
# 
loop_
_chem_comp.id 
_chem_comp.type 
_chem_comp.mon_nstd_flag 
_chem_comp.name 
_chem_comp.pdbx_synonyms 
_chem_comp.formula 
_chem_comp.formula_weight 
MG  non-polymer         . 'MAGNESIUM ION' ? 'Mg 2'       24.305  
UNK 'L-peptide linking' . UNKNOWN         ? 'C4 H9 N O2' 103.120 
# 
loop_
_pdbx_poly_seq_scheme.asym_id 
_pdbx_poly_seq_scheme.entity_id 
_pdbx_poly_seq_scheme.seq_id 
_pdbx_poly_seq_scheme.mon_id 
_pdbx_poly_seq_scheme.ndb_seq_num 
_pdbx_poly_seq_scheme.pdb_seq_num 
_pdbx_poly_seq_scheme.auth_seq_num 
_pdbx_poly_seq_scheme.pdb_mon_id 
_pdbx_poly_seq_scheme.auth_mon_id 
_pdbx_poly_seq_scheme.pdb_strand_id 
_pdbx_poly_seq_scheme.pdb_ins_code 
_pdbx_poly_seq_scheme.hetero 
A 1 1   UNK 1   3   3   UNK UNK A . n 
A 1 2   UNK 2   4   4   UNK UNK A . n 
A 1 3   UNK 3   5   5   UNK UNK A . n 
A 1 4   UNK 4   6   6   UNK UNK A . n 
A 1 5   UNK 5   7   7   UNK UNK A . n 
A 1 6   UNK 6   8   8   UNK UNK A . n 
A 1 7   UNK 7   9   9   UNK UNK A . n 
A 1 8   UNK 8   10  10  UNK UNK A . n 
A 1 9   UNK 9   11  11  UNK UNK A . n 
A 1 10  UNK 10  12  12  UNK UNK A . n 
A 1 11  UNK 11  13  13  UNK UNK A . n 
A 1 12  UNK 12  14  14  UNK UNK A . n 
A 1 13  UNK 13  15  15  UNK UNK A . n 
A 1 14  UNK 14  16  16  UNK UNK A . n 
A 1 15  UNK 15  17  17  UNK UNK A . n 
A 1 16  UNK 16  18  18  UNK UNK A . n 
A 1 17  UNK 17  19  19  UNK UNK A . n 
A 1 18  UNK 18  20  20  UNK UNK A . n 
A 1 19  UNK 19  21  21  UNK UNK A . n 
A 1 20  UNK 20  22  22  UNK UNK A . n 
A 1 21  UNK 21  23  23  UNK UNK A . n 
A 1 22  UNK 22  24  24  UNK UNK A . n 
A 1 23  UNK 23  25  25  UNK UNK A . n 
A 1 24  UNK 24  26  26  UNK UNK A . n 
A 1 25  UNK 25  27  27  UNK UNK A . n 
A 1 26  UNK 26  28  28  UNK UNK A . n 
A 1 27  UNK 27  29  29  UNK UNK A . n 
A 1 28  UNK 28  30  30  UNK UNK A . n 
A 1 29  UNK 29  31  31  UNK UNK A . n 
A 1 30  UNK 30  32  32  UNK UNK A . n 
A 1 31  UNK 31  33  33  UNK UNK A . n 
A 1 32  UNK 32  34  34  UNK UNK A . n 
A 1 33  UNK 33  35  35  UNK UNK A . n 
A 1 34  UNK 34  36  36  UNK UNK A . n 
A 1 35  UNK 35  37  37  UNK UNK A . n 
A 1 36  UNK 36  38  38  UNK UNK A . n 
A 1 37  UNK 37  39  39  UNK UNK A . n 
A 1 38  UNK 38  40  40  UNK UNK A . n 
A 1 39  UNK 39  41  41  UNK UNK A . n 
A 1 40  UNK 40  42  42  UNK UNK A . n 
A 1 41  UNK 41  43  43  UNK UNK A . n 
A 1 42  UNK 42  44  44  UNK UNK A . n 
A 1 43  UNK 43  45  45  UNK UNK A . n 
A 1 44  UNK 44  46  46  UNK UNK A . n 
A 1 45  UNK 45  47  47  UNK UNK A . n 
A 1 46  UNK 46  48  48  UNK UNK A . n 
A 1 47  UNK 47  49  49  UNK UNK A . n 
A 1 48  UNK 48  50  50  UNK UNK A . n 
A 1 49  UNK 49  51  51  UNK UNK A . n 
A 1 50  UNK 50  52  52  UNK UNK A . n 
A 1 51  UNK 51  53  53  UNK UNK A . n 
A 1 52  UNK 52  54  54  UNK UNK A . n 
A 1 53  UNK 53  55  55  UNK UNK A . n 
A 1 54  UNK 54  56  56  UNK UNK A . n 
A 1 55  UNK 55  57  57  UNK UNK A . n 
A 1 56  UNK 56  58  58  UNK UNK A . n 
A 1 57  UNK 57  59  59  UNK UNK A . n 
A 1 58  UNK 58  60  60  UNK UNK A . n 
A 1 59  UNK 59  61  61  UNK UNK A . n 
A 1 60  UNK 60  62  62  UNK UNK A . n 
A 1 61  UNK 61  63  63  UNK UNK A . n 
A 1 62  UNK 62  64  64  UNK UNK A . n 
A 1 63  UNK 63  65  65  UNK UNK A . n 
A 1 64  UNK 64  66  66  UNK UNK A . n 
A 1 65  UNK 65  67  67  UNK UNK A . n 
A 1 66  UNK 66  68  68  UNK UNK A . n 
A 1 67  UNK 67  69  69  UNK UNK A . n 
A 1 68  UNK 68  70  70  UNK UNK A . n 
A 1 69  UNK 69  71  71  UNK UNK A . n 
A 1 70  UNK 70  72  72  UNK UNK A . n 
A 1 71  UNK 71  73  73  UNK UNK A . n 
A 1 72  UNK 72  74  74  UNK UNK A . n 
A 1 73  UNK 73  75  75  UNK UNK A . n 
A 1 74  UNK 74  76  76  UNK UNK A . n 
A 1 75  UNK 75  77  77  UNK UNK A . n 
A 1 76  UNK 76  78  78  UNK UNK A . n 
A 1 77  UNK 77  79  79  UNK UNK A . n 
A 1 78  UNK 78  80  80  UNK UNK A . n 
A 1 79  UNK 79  81  81  UNK UNK A . n 
A 1 80  UNK 80  82  82  UNK UNK A . n 
A 1 81  UNK 81  83  83  UNK UNK A . n 
A 1 82  UNK 82  84  84  UNK UNK A . n 
A 1 83  UNK 83  85  85  UNK UNK A . n 
A 1 84  UNK 84  86  86  UNK UNK A . n 
A 1 85  UNK 85  87  87  UNK UNK A . n 
A 1 86  UNK 86  88  88  UNK UNK A . n 
A 1 87  UNK 87  89  89  UNK UNK A . n 
A 1 88  UNK 88  90  90  UNK UNK A . n 
A 1 89  UNK 89  91  91  UNK UNK A . n 
A 1 90  UNK 90  96  96  UNK UNK A . n 
A 1 91  UNK 91  97  97  UNK UNK A . n 
A 1 92  UNK 92  98  98  UNK UNK A . n 
A 1 93  UNK 93  99  99  UNK UNK A . n 
A 1 94  UNK 94  100 100 UNK UNK A . n 
A 1 95  UNK 95  101 101 UNK UNK A . n 
A 1 96  UNK 96  102 102 UNK UNK A . n 
A 1 97  UNK 97  103 103 UNK UNK A . n 
A 1 98  UNK 98  104 104 UNK UNK A . n 
A 1 99  UNK 99  105 105 UNK UNK A . n 
A 1 100 UNK 100 106 106 UNK UNK A . n 
A 1 101 UNK 101 107 107 UNK UNK A . n 
A 1 102 UNK 102 108 108 UNK UNK A . n 
A 1 103 UNK 103 109 109 UNK UNK A . n 
A 1 104 UNK 104 110 110 UNK UNK A . n 
A 1 105 UNK 105 111 111 UNK UNK A . n 
A 1 106 UNK 106 112 112 UNK UNK A . n 
A 1 107 UNK 107 113 113 UNK UNK A . n 
A 1 108 UNK 108 114 114 UNK UNK A . n 
A 1 109 UNK 109 115 115 UNK UNK A . n 
A 1 110 UNK 110 116 116 UNK UNK A . n 
A 1 111 UNK 111 117 117 UNK UNK A . n 
A 1 112 UNK 112 118 118 UNK UNK A . n 
A 1 113 UNK 113 119 119 UNK UNK A . n 
A 1 114 UNK 114 120 120 UNK UNK A . n 
A 1 115 UNK 115 121 121 UNK UNK A . n 
A 1 116 UNK 116 122 122 UNK UNK A . n 
A 1 117 UNK 117 123 123 UNK UNK A . n 
A 1 118 UNK 118 124 124 UNK UNK A . n 
A 1 119 UNK 119 125 125 UNK UNK A . n 
A 1 120 UNK 120 126 126 UNK UNK A . n 
A 1 121 UNK 121 127 127 UNK UNK A . n 
A 1 122 UNK 122 128 128 UNK UNK A . n 
A 1 123 UNK 123 129 129 UNK UNK A . n 
A 1 124 UNK 124 130 130 UNK UNK A . n 
A 1 125 UNK 125 131 131 UNK UNK A . n 
A 1 126 UNK 126 132 132 UNK UNK A . n 
A 1 127 UNK 127 133 133 UNK UNK A . n 
A 1 128 UNK 128 134 134 UNK UNK A . n 
A 1 129 UNK 129 135 135 UNK UNK A . n 
A 1 130 UNK 130 136 136 UNK UNK A . n 
A 1 131 UNK 131 137 137 UNK UNK A . n 
A 1 132 UNK 132 138 138 UNK UNK A . n 
A 1 133 UNK 133 139 139 UNK UNK A . n 
A 1 134 UNK 134 140 140 UNK UNK A . n 
A 1 135 UNK 135 141 141 UNK UNK A . n 
A 1 136 UNK 136 142 142 UNK UNK A . n 
A 1 137 UNK 137 143 143 UNK UNK A . n 
A 1 138 UNK 138 144 144 UNK UNK A . n 
A 1 139 UNK 139 145 145 UNK UNK A . n 
A 1 140 UNK 140 146 146 UNK UNK A . n 
A 1 141 UNK 141 147 147 UNK UNK A . n 
A 1 142 UNK 142 148 148 UNK UNK A . n 
A 1 143 UNK 143 149 149 UNK UNK A . n 
A 1 144 UNK 144 150 150 UNK UNK A . n 
A 1 145 UNK 145 151 151 UNK UNK A . n 
A 1 146 UNK 146 152 152 UNK UNK A . n 
A 1 147 UNK 147 153 153 UNK UNK A . n 
A 1 148 UNK 148 154 154 UNK UNK A . n 
A 1 149 UNK 149 155 155 UNK UNK A . n 
A 1 150 UNK 150 156 156 UNK UNK A . n 
A 1 151 UNK 151 157 157 UNK UNK A . n 
A 1 152 UNK 152 158 158 UNK UNK A . n 
A 1 153 UNK 153 159 159 UNK UNK A . n 
A 1 154 UNK 154 160 160 UNK UNK A . n 
A 1 155 UNK 155 161 161 UNK UNK A . n 
A 1 156 UNK 156 162 162 UNK UNK A . n 
A 1 157 UNK 157 163 163 UNK UNK A . n 
A 1 158 UNK 158 164 164 UNK UNK A . n 
A 1 159 UNK 159 165 165 UNK UNK A . n 
A 1 160 UNK 160 166 166 UNK UNK A . n 
A 1 161 UNK 161 167 167 UNK UNK A . n 
A 1 162 UNK 162 168 168 UNK UNK A . n 
A 1 163 UNK 163 169 169 UNK UNK A . n 
A 1 164 UNK 164 170 170 UNK UNK A . n 
A 1 165 UNK 165 171 171 UNK UNK A . n 
A 1 166 UNK 166 172 172 UNK UNK A . n 
A 1 167 UNK 167 173 173 UNK UNK A . n 
A 1 168 UNK 168 174 174 UNK UNK A . n 
A 1 169 UNK 169 175 175 UNK UNK A . n 
A 1 170 UNK 170 176 176 UNK UNK A . n 
A 1 171 UNK 171 177 177 UNK UNK A . n 
A 1 172 UNK 172 178 178 UNK UNK A . n 
A 1 173 UNK 173 179 179 UNK UNK A . n 
A 1 174 UNK 174 180 180 UNK UNK A . n 
A 1 175 UNK 175 181 181 UNK UNK A . n 
A 1 176 UNK 176 182 182 UNK UNK A . n 
A 1 177 UNK 177 183 183 UNK UNK A . n 
A 1 178 UNK 178 184 184 UNK UNK A . n 
A 1 179 UNK 179 185 185 UNK UNK A . n 
A 1 180 UNK 180 186 186 UNK UNK A . n 
A 1 181 UNK 181 187 187 UNK UNK A . n 
A 1 182 UNK 182 188 188 UNK UNK A . n 
A 1 183 UNK 183 189 189 UNK UNK A . n 
A 1 184 UNK 184 190 190 UNK UNK A . n 
A 1 185 UNK 185 191 191 UNK UNK A . n 
A 1 186 UNK 186 192 192 UNK UNK A . n 
A 1 187 UNK 187 193 193 UNK UNK A . n 
A 1 188 UNK 188 194 194 UNK UNK A . n 
A 1 189 UNK 189 195 195 UNK UNK A . n 
A 1 190 UNK 190 196 196 UNK UNK A . n 
A 1 191 UNK 191 197 197 UNK UNK A . n 
A 1 192 UNK 192 198 198 UNK UNK A . n 
A 1 193 UNK 193 199 199 UNK UNK A . n 
A 1 194 UNK 194 200 200 UNK UNK A . n 
A 1 195 UNK 195 201 201 UNK UNK A . n 
A 1 196 UNK 196 202 202 UNK UNK A . n 
A 1 197 UNK 197 203 203 UNK UNK A . n 
A 1 198 UNK 198 204 204 UNK UNK A . n 
A 1 199 UNK 199 205 205 UNK UNK A . n 
A 1 200 UNK 200 206 206 UNK UNK A . n 
A 1 201 UNK 201 207 207 UNK UNK A . n 
A 1 202 UNK 202 208 208 UNK UNK A . n 
A 1 203 UNK 203 209 209 UNK UNK A . n 
A 1 204 UNK 204 210 210 UNK UNK A . n 
A 1 205 UNK 205 211 211 UNK UNK A . n 
A 1 206 UNK 206 212 212 UNK UNK A . n 
A 1 207 UNK 207 213 213 UNK UNK A . n 
A 1 208 UNK 208 214 214 UNK UNK A . n 
A 1 209 UNK 209 215 215 UNK UNK A . n 
A 1 210 UNK 210 216 216 UNK UNK A . n 
A 1 211 UNK 211 217 217 UNK UNK A . n 
A 1 212 UNK 212 218 218 UNK UNK A . n 
A 1 213 UNK 213 219 219 UNK UNK A . n 
A 1 214 UNK 214 220 220 UNK UNK A . n 
A 1 215 UNK 215 221 221 UNK UNK A . n 
A 1 216 UNK 216 222 222 UNK UNK A . n 
A 1 217 UNK 217 223 223 UNK UNK A . n 
A 1 218 UNK 218 224 224 UNK UNK A . n 
A 1 219 UNK 219 225 225 UNK UNK A . n 
A 1 220 UNK 220 226 226 UNK UNK A . n 
A 1 221 UNK 221 227 227 UNK UNK A . n 
A 1 222 UNK 222 228 228 UNK UNK A . n 
A 1 223 UNK 223 229 229 UNK UNK A . n 
A 1 224 UNK 224 230 230 UNK UNK A . n 
A 1 225 UNK 225 231 231 UNK UNK A . n 
A 1 226 UNK 226 232 232 UNK UNK A . n 
A 1 227 UNK 227 233 233 UNK UNK A . n 
A 1 228 UNK 228 234 234 UNK UNK A . n 
A 1 229 UNK 229 235 235 UNK UNK A . n 
A 1 230 UNK 230 236 236 UNK UNK A . n 
A 1 231 UNK 231 237 237 UNK UNK A . n 
A 1 232 UNK 232 238 238 UNK UNK A . n 
A 1 233 UNK 233 239 239 UNK UNK A . n 
A 1 234 UNK 234 240 240 UNK UNK A . n 
A 1 235 UNK 235 241 241 UNK UNK A . n 
A 1 236 UNK 236 242 242 UNK UNK A . n 
A 1 237 UNK 237 243 243 UNK UNK A . n 
A 1 238 UNK 238 244 244 UNK UNK A . n 
A 1 239 UNK 239 245 245 UNK UNK A . n 
A 1 240 UNK 240 246 246 UNK UNK A . n 
A 1 241 UNK 241 247 247 UNK UNK A . n 
A 1 242 UNK 242 248 248 UNK UNK A . n 
A 1 243 UNK 243 249 249 UNK UNK A . n 
A 1 244 UNK 244 250 250 UNK UNK A . n 
A 1 245 UNK 245 251 251 UNK UNK A . n 
A 1 246 UNK 246 252 252 UNK UNK A . n 
A 1 247 UNK 247 253 253 UNK UNK A . n 
A 1 248 UNK 248 254 254 UNK UNK A . n 
A 1 249 UNK 249 255 255 UNK UNK A . n 
A 1 250 UNK 250 256 256 UNK UNK A . n 
A 1 251 UNK 251 257 257 UNK UNK A . n 
A 1 252 UNK 252 258 258 UNK UNK A . n 
A 1 253 UNK 253 259 259 UNK UNK A . n 
A 1 254 UNK 254 260 260 UNK UNK A . n 
A 1 255 UNK 255 261 261 UNK UNK A . n 
A 1 256 UNK 256 262 262 UNK UNK A . n 
A 1 257 UNK 257 263 263 UNK UNK A . n 
A 1 258 UNK 258 264 264 UNK UNK A . n 
A 1 259 UNK 259 265 265 UNK UNK A . n 
A 1 260 UNK 260 266 266 UNK UNK A . n 
A 1 261 UNK 261 267 267 UNK UNK A . n 
A 1 262 UNK 262 268 268 UNK UNK A . n 
A 1 263 UNK 263 269 269 UNK UNK A . n 
A 1 264 UNK 264 270 270 UNK UNK A . n 
A 1 265 UNK 265 271 271 UNK UNK A . n 
A 1 266 UNK 266 272 272 UNK UNK A . n 
A 1 267 UNK 267 273 273 UNK UNK A . n 
A 1 268 UNK 268 274 274 UNK UNK A . n 
A 1 269 UNK 269 275 275 UNK UNK A . n 
A 1 270 UNK 270 276 276 UNK UNK A . n 
A 1 271 UNK 271 277 277 UNK UNK A . n 
A 1 272 UNK 272 278 278 UNK UNK A . n 
A 1 273 UNK 273 279 279 UNK UNK A . n 
A 1 274 UNK 274 280 280 UNK UNK A . n 
A 1 275 UNK 275 281 281 UNK UNK A . n 
A 1 276 UNK 276 282 282 UNK UNK A . n 
A 1 277 UNK 277 283 283 UNK UNK A . n 
A 1 278 UNK 278 284 284 UNK UNK A . n 
A 1 279 UNK 279 285 285 UNK UNK A . n 
A 1 280 UNK 280 286 286 UNK UNK A . n 
A 1 281 UNK 281 287 287 UNK UNK A . n 
A 1 282 UNK 282 288 288 UNK UNK A . n 
A 1 283 UNK 283 289 289 UNK UNK A . n 
A 1 284 UNK 284 290 290 UNK UNK A . n 
A 1 285 UNK 285 291 291 UNK UNK A . n 
A 1 286 UNK 286 292 292 UNK UNK A . n 
A 1 287 UNK 287 293 293 UNK UNK A . n 
A 1 288 UNK 288 294 294 UNK UNK A . n 
A 1 289 UNK 289 295 295 UNK UNK A . n 
A 1 290 UNK 290 296 296 UNK UNK A . n 
A 1 291 UNK 291 297 297 UNK UNK A . n 
A 1 292 UNK 292 298 298 UNK UNK A . n 
A 1 293 UNK 293 299 299 UNK UNK A . n 
A 1 294 UNK 294 300 300 UNK UNK A . n 
A 1 295 UNK 295 301 301 UNK UNK A . n 
A 1 296 UNK 296 302 302 UNK UNK A . n 
A 1 297 UNK 297 303 303 UNK UNK A . n 
A 1 298 UNK 298 304 304 UNK UNK A . n 
A 1 299 UNK 299 305 305 UNK UNK A . n 
A 1 300 UNK 300 306 306 UNK UNK A . n 
A 1 301 UNK 301 307 307 UNK UNK A . n 
A 1 302 UNK 302 308 308 UNK UNK A . n 
A 1 303 UNK 303 309 309 UNK UNK A . n 
A 1 304 UNK 304 310 310 UNK UNK A . n 
A 1 305 UNK 305 311 311 UNK UNK A . n 
A 1 306 UNK 306 312 312 UNK UNK A . n 
A 1 307 UNK 307 313 313 UNK UNK A . n 
A 1 308 UNK 308 314 314 UNK UNK A . n 
A 1 309 UNK 309 315 315 UNK UNK A . n 
A 1 310 UNK 310 316 316 UNK UNK A . n 
A 1 311 UNK 311 317 317 UNK UNK A . n 
A 1 312 UNK 312 318 318 UNK UNK A . n 
A 1 313 UNK 313 319 319 UNK UNK A . n 
A 1 314 UNK 314 320 320 UNK UNK A . n 
A 1 315 UNK 315 321 321 UNK UNK A . n 
A 1 316 UNK 316 322 322 UNK UNK A . n 
A 1 317 UNK 317 323 323 UNK UNK A . n 
A 1 318 UNK 318 324 324 UNK UNK A . n 
A 1 319 UNK 319 325 325 UNK UNK A . n 
A 1 320 UNK 320 326 326 UNK UNK A . n 
A 1 321 UNK 321 327 327 UNK UNK A . n 
A 1 322 UNK 322 328 328 UNK UNK A . n 
A 1 323 UNK 323 329 329 UNK UNK A . n 
A 1 324 UNK 324 330 330 UNK UNK A . n 
A 1 325 UNK 325 331 331 UNK UNK A . n 
A 1 326 UNK 326 332 332 UNK UNK A . n 
A 1 327 UNK 327 333 333 UNK UNK A . n 
A 1 328 UNK 328 334 334 UNK UNK A . n 
A 1 329 UNK 329 335 335 UNK UNK A . n 
A 1 330 UNK 330 336 336 UNK UNK A . n 
A 1 331 UNK 331 337 337 UNK UNK A . n 
A 1 332 UNK 332 338 338 UNK UNK A . n 
A 1 333 UNK 333 339 339 UNK UNK A . n 
A 1 334 UNK 334 340 340 UNK UNK A . n 
A 1 335 UNK 335 341 341 UNK UNK A . n 
A 1 336 UNK 336 342 342 UNK UNK A . n 
A 1 337 UNK 337 343 343 UNK UNK A . n 
A 1 338 UNK 338 344 344 UNK UNK A . n 
A 1 339 UNK 339 345 345 UNK UNK A . n 
A 1 340 UNK 340 346 346 UNK UNK A . n 
A 1 341 UNK 341 347 347 UNK UNK A . n 
A 1 342 UNK 342 348 348 UNK UNK A . n 
A 1 343 UNK 343 349 349 UNK UNK A . n 
A 1 344 UNK 344 350 350 UNK UNK A . n 
A 1 345 UNK 345 351 351 UNK UNK A . n 
A 1 346 UNK 346 357 357 UNK UNK A . n 
A 1 347 UNK 347 358 358 UNK UNK A . n 
A 1 348 UNK 348 359 359 UNK UNK A . n 
A 1 349 UNK 349 360 360 UNK UNK A . n 
A 1 350 UNK 350 361 361 UNK UNK A . n 
A 1 351 UNK 351 362 362 UNK UNK A . n 
A 1 352 UNK 352 363 363 UNK UNK A . n 
A 1 353 UNK 353 364 364 UNK UNK A . n 
A 1 354 UNK 354 365 365 UNK UNK A . n 
A 1 355 UNK 355 366 366 UNK UNK A . n 
A 1 356 UNK 356 367 367 UNK UNK A . n 
A 1 357 UNK 357 368 368 UNK UNK A . n 
A 1 358 UNK 358 369 369 UNK UNK A . n 
A 1 359 UNK 359 370 370 UNK UNK A . n 
A 1 360 UNK 360 371 371 UNK UNK A . n 
A 1 361 UNK 361 372 372 UNK UNK A . n 
A 1 362 UNK 362 373 373 UNK UNK A . n 
A 1 363 UNK 363 374 374 UNK UNK A . n 
A 1 364 UNK 364 375 375 UNK UNK A . n 
A 1 365 UNK 365 376 376 UNK UNK A . n 
A 1 366 UNK 366 377 377 UNK UNK A . n 
A 1 367 UNK 367 378 378 UNK UNK A . n 
A 1 368 UNK 368 379 379 UNK UNK A . n 
A 1 369 UNK 369 380 380 UNK UNK A . n 
A 1 370 UNK 370 381 381 UNK UNK A . n 
A 1 371 UNK 371 382 382 UNK UNK A . n 
A 1 372 UNK 372 383 383 UNK UNK A . n 
A 1 373 UNK 373 384 384 UNK UNK A . n 
A 1 374 UNK 374 385 385 UNK UNK A . n 
A 1 375 UNK 375 386 386 UNK UNK A . n 
A 1 376 UNK 376 387 387 UNK UNK A . n 
A 1 377 UNK 377 388 388 UNK UNK A . n 
A 1 378 UNK 378 389 389 UNK UNK A . n 
A 1 379 UNK 379 390 390 UNK UNK A . n 
A 1 380 UNK 380 391 391 UNK UNK A . n 
A 1 381 UNK 381 392 392 UNK UNK A . n 
A 1 382 UNK 382 393 393 UNK UNK A . n 
A 1 383 UNK 383 394 394 UNK UNK A . n 
A 1 384 UNK 384 395 395 UNK UNK A . n 
A 1 385 UNK 385 396 396 UNK UNK A . n 
A 1 386 UNK 386 397 397 UNK UNK A . n 
A 1 387 UNK 387 398 398 UNK UNK A . n 
A 1 388 UNK 388 399 399 UNK UNK A . n 
A 1 389 UNK 389 400 400 UNK UNK A . n 
A 1 390 UNK 390 401 401 UNK UNK A . n 
A 1 391 UNK 391 402 402 UNK UNK A . n 
A 1 392 UNK 392 403 403 UNK UNK A . n 
A 1 393 UNK 393 404 404 UNK UNK A . n 
A 1 394 UNK 394 405 405 UNK UNK A . n 
A 1 395 UNK 395 406 406 UNK UNK A . n 
A 1 396 UNK 396 407 407 UNK UNK A . n 
A 1 397 UNK 397 408 408 UNK UNK A . n 
A 1 398 UNK 398 409 409 UNK UNK A . n 
A 1 399 UNK 399 410 410 UNK UNK A . n 
A 1 400 UNK 400 411 411 UNK UNK A . n 
A 1 401 UNK 401 412 412 UNK UNK A . n 
A 1 402 UNK 402 413 413 UNK UNK A . n 
A 1 403 UNK 403 414 414 UNK UNK A . n 
A 1 404 UNK 404 415 415 UNK UNK A . n 
A 1 405 UNK 405 416 416 UNK UNK A . n 
A 1 406 UNK 406 417 417 UNK UNK A . n 
A 1 407 UNK 407 418 418 UNK UNK A . n 
A 1 408 UNK 408 419 419 UNK UNK A . n 
A 1 409 UNK 409 420 420 UNK UNK A . n 
A 1 410 UNK 410 421 421 UNK UNK A . n 
A 1 411 UNK 411 422 422 UNK UNK A . n 
A 1 412 UNK 412 423 423 UNK UNK A . n 
A 1 413 UNK 413 424 424 UNK UNK A . n 
A 1 414 UNK 414 425 425 UNK UNK A . n 
A 1 415 UNK 415 426 426 UNK UNK A . n 
A 1 416 UNK 416 427 427 UNK UNK A . n 
A 1 417 UNK 417 428 428 UNK UNK A . n 
A 1 418 UNK 418 429 429 UNK UNK A . n 
A 1 419 UNK 419 430 430 UNK UNK A . n 
A 1 420 UNK 420 431 431 UNK UNK A . n 
A 1 421 UNK 421 432 432 UNK UNK A . n 
A 1 422 UNK 422 433 433 UNK UNK A . n 
A 1 423 UNK 423 434 434 UNK UNK A . n 
A 1 424 UNK 424 435 435 UNK UNK A . n 
A 1 425 UNK 425 436 436 UNK UNK A . n 
A 1 426 UNK 426 437 437 UNK UNK A . n 
A 1 427 UNK 427 438 438 UNK UNK A . n 
A 1 428 UNK 428 439 439 UNK UNK A . n 
A 1 429 UNK 429 440 440 UNK UNK A . n 
A 1 430 UNK 430 441 441 UNK UNK A . n 
A 1 431 UNK 431 442 442 UNK UNK A . n 
A 1 432 UNK 432 443 443 UNK UNK A . n 
A 1 433 UNK 433 444 444 UNK UNK A . n 
A 1 434 UNK 434 445 445 UNK UNK A . n 
A 1 435 UNK 435 446 446 UNK UNK A . n 
A 1 436 UNK 436 447 447 UNK UNK A . n 
A 1 437 UNK 437 448 448 UNK UNK A . n 
A 1 438 UNK 438 449 449 UNK UNK A . n 
A 1 439 UNK 439 450 450 UNK UNK A . n 
A 1 440 UNK 440 451 451 UNK UNK A . n 
A 1 441 UNK 441 452 452 UNK UNK A . n 
A 1 442 UNK 442 453 453 UNK UNK A . n 
A 1 443 UNK 443 454 454 UNK UNK A . n 
A 1 444 UNK 444 455 455 UNK UNK A . n 
A 1 445 UNK 445 456 456 UNK UNK A . n 
A 1 446 UNK 446 457 457 UNK UNK A . n 
A 1 447 UNK 447 458 458 UNK UNK A . n 
A 1 448 UNK 448 459 459 UNK UNK A . n 
A 1 449 UNK 449 460 460 UNK UNK A . n 
A 1 450 UNK 450 461 461 UNK UNK A . n 
A 1 451 UNK 451 462 462 UNK UNK A . n 
A 1 452 UNK 452 463 463 UNK UNK A . n 
A 1 453 UNK 453 464 464 UNK UNK A . n 
A 1 454 UNK 454 465 465 UNK UNK A . n 
A 1 455 UNK 455 466 466 UNK UNK A . n 
A 1 456 UNK 456 467 467 UNK UNK A . n 
A 1 457 UNK 457 468 468 UNK UNK A . n 
A 1 458 UNK 458 469 469 UNK UNK A . n 
A 1 459 UNK 459 470 470 UNK UNK A . n 
A 1 460 UNK 460 471 471 UNK UNK A . n 
A 1 461 UNK 461 472 472 UNK UNK A . n 
A 1 462 UNK 462 473 473 UNK UNK A . n 
A 1 463 UNK 463 474 474 UNK UNK A . n 
A 1 464 UNK 464 475 475 UNK UNK A . n 
A 1 465 UNK 465 476 476 UNK UNK A . n 
A 1 466 UNK 466 477 477 UNK UNK A . n 
A 1 467 UNK 467 478 478 UNK UNK A . n 
A 1 468 UNK 468 479 479 UNK UNK A . n 
A 1 469 UNK 469 480 480 UNK UNK A . n 
A 1 470 UNK 470 481 481 UNK UNK A . n 
A 1 471 UNK 471 482 482 UNK UNK A . n 
A 1 472 UNK 472 483 483 UNK UNK A . n 
A 1 473 UNK 473 484 484 UNK UNK A . n 
A 1 474 UNK 474 485 485 UNK UNK A . n 
A 1 475 UNK 475 486 486 UNK UNK A . n 
A 1 476 UNK 476 487 487 UNK UNK A . n 
A 1 477 UNK 477 488 488 UNK UNK A . n 
A 1 478 UNK 478 489 489 UNK UNK A . n 
A 1 479 UNK 479 490 490 UNK UNK A . n 
A 1 480 UNK 480 491 491 UNK UNK A . n 
A 1 481 UNK 481 492 492 UNK UNK A . n 
A 1 482 UNK 482 493 493 UNK UNK A . n 
A 1 483 UNK 483 494 494 UNK UNK A . n 
A 1 484 UNK 484 495 495 UNK UNK A . n 
A 1 485 UNK 485 496 496 UNK UNK A . n 
A 1 486 UNK 486 497 497 UNK UNK A . n 
A 1 487 UNK 487 498 498 UNK UNK A . n 
A 1 488 UNK 488 499 499 UNK UNK A . n 
A 1 489 UNK 489 500 500 UNK UNK A . n 
A 1 490 UNK 490 501 501 UNK UNK A . n 
A 1 491 UNK 491 502 502 UNK UNK A . n 
A 1 492 UNK 492 503 503 UNK UNK A . n 
A 1 493 UNK 493 504 504 UNK UNK A . n 
A 1 494 UNK 494 505 505 UNK UNK A . n 
A 1 495 UNK 495 506 506 UNK UNK A . n 
A 1 496 UNK 496 507 507 UNK UNK A . n 
A 1 497 UNK 497 508 508 UNK UNK A . n 
A 1 498 UNK 498 509 509 UNK UNK A . n 
A 1 499 UNK 499 510 510 UNK UNK A . n 
A 1 500 UNK 500 511 511 UNK UNK A . n 
A 1 501 UNK 501 512 512 UNK UNK A . n 
A 1 502 UNK 502 513 513 UNK UNK A . n 
A 1 503 UNK 503 514 514 UNK UNK A . n 
A 1 504 UNK 504 515 515 UNK UNK A . n 
A 1 505 UNK 505 516 516 UNK UNK A . n 
A 1 506 UNK 506 517 517 UNK UNK A . n 
A 1 507 UNK 507 518 518 UNK UNK A . n 
A 1 508 UNK 508 519 519 UNK UNK A . n 
A 1 509 UNK 509 520 520 UNK UNK A . n 
A 1 510 UNK 510 521 521 UNK UNK A . n 
A 1 511 UNK 511 522 522 UNK UNK A . n 
A 1 512 UNK 512 523 523 UNK UNK A . n 
A 1 513 UNK 513 524 524 UNK UNK A . n 
A 1 514 UNK 514 525 525 UNK UNK A . n 
A 1 515 UNK 515 526 526 UNK UNK A . n 
A 1 516 UNK 516 527 527 UNK UNK A . n 
A 1 517 UNK 517 528 528 UNK UNK A . n 
A 1 518 UNK 518 529 529 UNK UNK A . n 
A 1 519 UNK 519 530 530 UNK UNK A . n 
A 1 520 UNK 520 531 531 UNK UNK A . n 
A 1 521 UNK 521 532 532 UNK UNK A . n 
A 1 522 UNK 522 533 533 UNK UNK A . n 
A 1 523 UNK 523 534 534 UNK UNK A . n 
A 1 524 UNK 524 535 535 UNK UNK A . n 
A 1 525 UNK 525 536 536 UNK UNK A . n 
A 1 526 UNK 526 537 537 UNK UNK A . n 
A 1 527 UNK 527 538 538 UNK UNK A . n 
A 1 528 UNK 528 539 539 UNK UNK A . n 
A 1 529 UNK 529 540 540 UNK UNK A . n 
A 1 530 UNK 530 541 541 UNK UNK A . n 
A 1 531 UNK 531 542 542 UNK UNK A . n 
A 1 532 UNK 532 543 543 UNK UNK A . n 
A 1 533 UNK 533 544 544 UNK UNK A . n 
A 1 534 UNK 534 545 545 UNK UNK A . n 
A 1 535 UNK 535 546 546 UNK UNK A . n 
A 1 536 UNK 536 547 547 UNK UNK A . n 
A 1 537 UNK 537 548 548 UNK UNK A . n 
A 1 538 UNK 538 549 549 UNK UNK A . n 
A 1 539 UNK 539 550 550 UNK UNK A . n 
A 1 540 UNK 540 551 551 UNK UNK A . n 
A 1 541 UNK 541 552 552 UNK UNK A . n 
A 1 542 UNK 542 553 553 UNK UNK A . n 
A 1 543 UNK 543 554 554 UNK UNK A . n 
A 1 544 UNK 544 555 555 UNK UNK A . n 
A 1 545 UNK 545 556 556 UNK UNK A . n 
A 1 546 UNK 546 557 557 UNK UNK A . n 
A 1 547 UNK 547 558 558 UNK UNK A . n 
A 1 548 UNK 548 559 559 UNK UNK A . n 
A 1 549 UNK 549 560 560 UNK UNK A . n 
A 1 550 UNK 550 561 561 UNK UNK A . n 
A 1 551 UNK 551 562 562 UNK UNK A . n 
A 1 552 UNK 552 563 563 UNK UNK A . n 
A 1 553 UNK 553 564 564 UNK UNK A . n 
A 1 554 UNK 554 565 565 UNK UNK A . n 
A 1 555 UNK 555 566 566 UNK UNK A . n 
A 1 556 UNK 556 567 567 UNK UNK A . n 
A 1 557 UNK 557 568 568 UNK UNK A . n 
A 1 558 UNK 558 569 569 UNK UNK A . n 
A 1 559 UNK 559 570 570 UNK UNK A . n 
A 1 560 UNK 560 571 571 UNK UNK A . n 
A 1 561 UNK 561 572 572 UNK UNK A . n 
A 1 562 UNK 562 573 573 UNK UNK A . n 
A 1 563 UNK 563 574 574 UNK UNK A . n 
A 1 564 UNK 564 575 575 UNK UNK A . n 
A 1 565 UNK 565 576 576 UNK UNK A . n 
A 1 566 UNK 566 577 577 UNK UNK A . n 
A 1 567 UNK 567 578 578 UNK UNK A . n 
A 1 568 UNK 568 581 581 UNK UNK A . n 
A 1 569 UNK 569 582 582 UNK UNK A . n 
A 1 570 UNK 570 583 583 UNK UNK A . n 
A 1 571 UNK 571 584 584 UNK UNK A . n 
A 1 572 UNK 572 585 585 UNK UNK A . n 
A 1 573 UNK 573 586 586 UNK UNK A . n 
A 1 574 UNK 574 587 587 UNK UNK A . n 
A 1 575 UNK 575 588 588 UNK UNK A . n 
A 1 576 UNK 576 589 589 UNK UNK A . n 
A 1 577 UNK 577 590 590 UNK UNK A . n 
A 1 578 UNK 578 591 591 UNK UNK A . n 
A 1 579 UNK 579 592 592 UNK UNK A . n 
A 1 580 UNK 580 593 593 UNK UNK A . n 
A 1 581 UNK 581 594 594 UNK UNK A . n 
A 1 582 UNK 582 595 595 UNK UNK A . n 
A 1 583 UNK 583 596 596 UNK UNK A . n 
A 1 584 UNK 584 597 597 UNK UNK A . n 
A 1 585 UNK 585 598 598 UNK UNK A . n 
A 1 586 UNK 586 599 599 UNK UNK A . n 
A 1 587 UNK 587 600 600 UNK UNK A . n 
A 1 588 UNK 588 601 601 UNK UNK A . n 
A 1 589 UNK 589 602 602 UNK UNK A . n 
A 1 590 UNK 590 603 603 UNK UNK A . n 
A 1 591 UNK 591 604 604 UNK UNK A . n 
A 1 592 UNK 592 605 605 UNK UNK A . n 
A 1 593 UNK 593 606 606 UNK UNK A . n 
A 1 594 UNK 594 607 607 UNK UNK A . n 
A 1 595 UNK 595 608 608 UNK UNK A . n 
A 1 596 UNK 596 609 609 UNK UNK A . n 
A 1 597 UNK 597 610 610 UNK UNK A . n 
A 1 598 UNK 598 611 611 UNK UNK A . n 
A 1 599 UNK 599 612 612 UNK UNK A . n 
A 1 600 UNK 600 613 613 UNK UNK A . n 
A 1 601 UNK 601 614 614 UNK UNK A . n 
A 1 602 UNK 602 615 615 UNK UNK A . n 
A 1 603 UNK 603 616 616 UNK UNK A . n 
A 1 604 UNK 604 617 617 UNK UNK A . n 
A 1 605 UNK 605 618 618 UNK UNK A . n 
A 1 606 UNK 606 619 619 UNK UNK A . n 
A 1 607 UNK 607 620 620 UNK UNK A . n 
A 1 608 UNK 608 621 621 UNK UNK A . n 
A 1 609 UNK 609 622 622 UNK UNK A . n 
A 1 610 UNK 610 623 623 UNK UNK A . n 
A 1 611 UNK 611 624 624 UNK UNK A . n 
A 1 612 UNK 612 625 625 UNK UNK A . n 
A 1 613 UNK 613 626 626 UNK UNK A . n 
A 1 614 UNK 614 627 627 UNK UNK A . n 
A 1 615 UNK 615 628 628 UNK UNK A . n 
A 1 616 UNK 616 629 629 UNK UNK A . n 
A 1 617 UNK 617 630 630 UNK UNK A . n 
A 1 618 UNK 618 631 631 UNK UNK A . n 
A 1 619 UNK 619 632 632 UNK UNK A . n 
A 1 620 UNK 620 633 633 UNK UNK A . n 
A 1 621 UNK 621 634 634 UNK UNK A . n 
A 1 622 UNK 622 635 635 UNK UNK A . n 
A 1 623 UNK 623 636 636 UNK UNK A . n 
A 1 624 UNK 624 637 637 UNK UNK A . n 
A 1 625 UNK 625 638 638 UNK UNK A . n 
A 1 626 UNK 626 639 639 UNK UNK A . n 
A 1 627 UNK 627 640 640 UNK UNK A . n 
A 1 628 UNK 628 641 641 UNK UNK A . n 
A 1 629 UNK 629 642 642 UNK UNK A . n 
A 1 630 UNK 630 643 643 UNK UNK A . n 
A 1 631 UNK 631 644 644 UNK UNK A . n 
A 1 632 UNK 632 645 645 UNK UNK A . n 
A 1 633 UNK 633 646 646 UNK UNK A . n 
A 1 634 UNK 634 647 647 UNK UNK A . n 
A 1 635 UNK 635 648 648 UNK UNK A . n 
A 1 636 UNK 636 649 649 UNK UNK A . n 
A 1 637 UNK 637 650 650 UNK UNK A . n 
A 1 638 UNK 638 651 651 UNK UNK A . n 
A 1 639 UNK 639 652 652 UNK UNK A . n 
A 1 640 UNK 640 653 653 UNK UNK A . n 
A 1 641 UNK 641 654 654 UNK UNK A . n 
A 1 642 UNK 642 655 655 UNK UNK A . n 
A 1 643 UNK 643 656 656 UNK UNK A . n 
A 1 644 UNK 644 657 657 UNK UNK A . n 
A 1 645 UNK 645 658 658 UNK UNK A . n 
A 1 646 UNK 646 659 659 UNK UNK A . n 
A 1 647 UNK 647 660 660 UNK UNK A . n 
A 1 648 UNK 648 661 661 UNK UNK A . n 
# 
_pdbx_nonpoly_scheme.asym_id         B 
_pdbx_nonpoly_scheme.entity_id       2 
_pdbx_nonpoly_scheme.mon_id          MG 
_pdbx_nonpoly_scheme.ndb_seq_num     1 
_pdbx_nonpoly_scheme.pdb_seq_num     1 
_pdbx_nonpoly_scheme.auth_seq_num    1 
_pdbx_nonpoly_scheme.pdb_mon_id      MG 
_pdbx_nonpoly_scheme.auth_mon_id     MG 
_pdbx_nonpoly_scheme.pdb_strand_id   A 
_pdbx_nonpoly_scheme.pdb_ins_code    . 
# 
loop_
_software.name 
_software.classification 
_software.version 
_software.citation_id 
_software.pdbx_ordinal 
HKL-2000 'data collection' .   ? 1 
SOLVE    phasing           .   ? 2 
CNS      refinement        1.2 ? 3 
HKL-2000 'data reduction'  .   ? 4 
HKL-2000 'data scaling'    .   ? 5 
# 
_cell.entry_id           2Z41 
_cell.length_a           133.7370 
_cell.length_b           133.7370 
_cell.length_c           133.6360 
_cell.angle_alpha        90 
_cell.angle_beta         90 
_cell.angle_gamma        90 
_cell.pdbx_unique_axis   ? 
_cell.Z_PDB              8 
_cell.length_a_esd       ? 
_cell.length_b_esd       ? 
_cell.length_c_esd       ? 
_cell.angle_alpha_esd    ? 
_cell.angle_beta_esd     ? 
_cell.angle_gamma_esd    ? 
# 
_symmetry.entry_id                         2Z41 
_symmetry.space_group_name_H-M             'P 43 2 2' 
_symmetry.pdbx_full_space_group_name_H-M   ? 
_symmetry.Int_Tables_number                95 
_symmetry.cell_setting                     ? 
_symmetry.space_group_name_Hall            ? 
# 
_exptl.entry_id          2Z41 
_exptl.method            'X-RAY DIFFRACTION' 
_exptl.crystals_number   1 
# 
_exptl_crystal.id                    1 
_exptl_crystal.density_meas          ? 
_exptl_crystal.density_Matthews      3.75 
_exptl_crystal.density_percent_sol   67.24 
_exptl_crystal.description           ? 
_exptl_crystal.F_000                 ? 
_exptl_crystal.preparation           ? 
# 
_exptl_crystal_grow.crystal_id      1 
_exptl_crystal_grow.method          'VAPOR DIFFUSION, HANGING DROP' 
_exptl_crystal_grow.temp            293.0 
_exptl_crystal_grow.temp_details    ? 
_exptl_crystal_grow.pH              4.2 
_exptl_crystal_grow.pdbx_details    
'10% 2-propanol, 0.2M Lithium sulfate, 0.1M phosphate-citrate buffer, pH 4.2, VAPOR DIFFUSION, HANGING DROP, temperature 293.0K' 
_exptl_crystal_grow.pdbx_pH_range   . 
# 
_diffrn.id                     1 
_diffrn.ambient_temp           100.0 
_diffrn.ambient_temp_details   ? 
_diffrn.crystal_id             1 
# 
_diffrn_detector.diffrn_id              1 
_diffrn_detector.detector               CCD 
_diffrn_detector.type                   'ADSC QUANTUM 315' 
_diffrn_detector.pdbx_collection_date   2007-04-09 
_diffrn_detector.details                ? 
# 
_diffrn_radiation.diffrn_id                        1 
_diffrn_radiation.wavelength_id                    1 
_diffrn_radiation.pdbx_monochromatic_or_laue_m_l   M 
_diffrn_radiation.monochromator                    ? 
_diffrn_radiation.pdbx_diffrn_protocol             'SINGLE WAVELENGTH' 
_diffrn_radiation.pdbx_scattering_type             x-ray 
# 
_diffrn_radiation_wavelength.id           1 
_diffrn_radiation_wavelength.wavelength   0.97904 
_diffrn_radiation_wavelength.wt           1.0 
# 
_diffrn_source.diffrn_id                   1 
_diffrn_source.source                      SYNCHROTRON 
_diffrn_source.type                        'SPRING-8 BEAMLINE BL41XU' 
_diffrn_source.pdbx_synchrotron_site       SPring-8 
_diffrn_source.pdbx_synchrotron_beamline   BL41XU 
_diffrn_source.pdbx_wavelength             ? 
_diffrn_source.pdbx_wavelength_list        0.97904 
# 
_reflns.entry_id                     2Z41 
_reflns.observed_criterion_sigma_F   0 
_reflns.observed_criterion_sigma_I   0 
_reflns.d_resolution_high            3.51 
_reflns.d_resolution_low             50.0 
_reflns.number_all                   16159 
_reflns.number_obs                   16159 
_reflns.percent_possible_obs         99.9 
_reflns.pdbx_Rmerge_I_obs            0.129 
_reflns.pdbx_Rsym_value              0.137 
_reflns.pdbx_netI_over_sigmaI        ? 
_reflns.B_iso_Wilson_estimate        53.5 
_reflns.pdbx_redundancy              6.3 
_reflns.R_free_details               ? 
_reflns.limit_h_max                  ? 
_reflns.limit_h_min                  ? 
_reflns.limit_k_max                  ? 
_reflns.limit_k_min                  ? 
_reflns.limit_l_max                  ? 
_reflns.limit_l_min                  ? 
_reflns.observed_criterion_F_max     ? 
_reflns.observed_criterion_F_min     ? 
_reflns.pdbx_chi_squared             ? 
_reflns.pdbx_scaling_rejects         ? 
_reflns.pdbx_ordinal                 1 
_reflns.pdbx_diffrn_id               1 
# 
_reflns_shell.d_res_high             3.51 
_reflns_shell.d_res_low              3.63 
_reflns_shell.percent_possible_all   99.9 
_reflns_shell.Rmerge_I_obs           0.454 
_reflns_shell.pdbx_Rsym_value        0.474 
_reflns_shell.meanI_over_sigI_obs    ? 
_reflns_shell.pdbx_redundancy        5.4 
_reflns_shell.percent_possible_obs   ? 
_reflns_shell.number_unique_all      2969 
_reflns_shell.number_measured_all    ? 
_reflns_shell.number_measured_obs    ? 
_reflns_shell.number_unique_obs      ? 
_reflns_shell.pdbx_chi_squared       ? 
_reflns_shell.pdbx_ordinal           1 
_reflns_shell.pdbx_diffrn_id         1 
# 
_refine.entry_id                                 2Z41 
_refine.ls_d_res_high                            3.51 
_refine.ls_d_res_low                             20.00 
_refine.pdbx_ls_sigma_F                          0 
_refine.pdbx_ls_sigma_I                          ? 
_refine.ls_number_reflns_all                     ? 
_refine.ls_number_reflns_obs                     14464 
_refine.ls_number_reflns_R_free                  770 
_refine.ls_percent_reflns_obs                    94.9 
_refine.ls_R_factor_all                          ? 
_refine.ls_R_factor_obs                          ? 
_refine.ls_R_factor_R_work                       0.2911 
_refine.ls_R_factor_R_free                       0.3438 
_refine.ls_redundancy_reflns_obs                 ? 
_refine.pdbx_data_cutoff_high_absF               ? 
_refine.pdbx_data_cutoff_low_absF                ? 
_refine.ls_number_parameters                     ? 
_refine.ls_number_restraints                     ? 
_refine.ls_percent_reflns_R_free                 ? 
_refine.ls_R_factor_R_free_error                 ? 
_refine.ls_R_factor_R_free_error_details         ? 
_refine.pdbx_method_to_determine_struct          SAD 
_refine.pdbx_starting_model                      ? 
_refine.pdbx_ls_cross_valid_method               THROUGHOUT 
_refine.pdbx_R_Free_selection_details            RANDOM 
_refine.pdbx_stereochem_target_val_spec_case     ? 
_refine.pdbx_stereochemistry_target_values       'Engh & Huber' 
_refine.solvent_model_details                    ? 
_refine.solvent_model_param_bsol                 ? 
_refine.solvent_model_param_ksol                 ? 
_refine.occupancy_max                            ? 
_refine.occupancy_min                            ? 
_refine.pdbx_isotropic_thermal_model             ? 
_refine.B_iso_mean                               ? 
_refine.aniso_B[1][1]                            ? 
_refine.aniso_B[1][2]                            ? 
_refine.aniso_B[1][3]                            ? 
_refine.aniso_B[2][2]                            ? 
_refine.aniso_B[2][3]                            ? 
_refine.aniso_B[3][3]                            ? 
_refine.details                                  
'The R factor and free-R factor were calculated for the coordinates containing the side chains.' 
_refine.B_iso_min                                ? 
_refine.B_iso_max                                ? 
_refine.correlation_coeff_Fo_to_Fc               ? 
_refine.correlation_coeff_Fo_to_Fc_free          ? 
_refine.pdbx_solvent_vdw_probe_radii             ? 
_refine.pdbx_solvent_ion_probe_radii             ? 
_refine.pdbx_solvent_shrinkage_radii             ? 
_refine.overall_SU_R_Cruickshank_DPI             ? 
_refine.overall_SU_R_free                        ? 
_refine.overall_SU_ML                            ? 
_refine.overall_SU_B                             ? 
_refine.pdbx_overall_ESU_R_Free                  ? 
_refine.pdbx_data_cutoff_high_rms_absF           ? 
_refine.pdbx_overall_ESU_R                       ? 
_refine.ls_wR_factor_R_free                      ? 
_refine.ls_wR_factor_R_work                      ? 
_refine.overall_FOM_free_R_set                   ? 
_refine.overall_FOM_work_R_set                   ? 
_refine.pdbx_overall_phase_error                 ? 
_refine.pdbx_refine_id                           'X-RAY DIFFRACTION' 
_refine.pdbx_diffrn_id                           1 
_refine.pdbx_TLS_residual_ADP_flag               ? 
_refine.pdbx_overall_SU_R_free_Cruickshank_DPI   ? 
_refine.pdbx_overall_SU_R_Blow_DPI               ? 
_refine.pdbx_overall_SU_R_free_Blow_DPI          ? 
# 
_refine_hist.pdbx_refine_id                   'X-RAY DIFFRACTION' 
_refine_hist.cycle_id                         LAST 
_refine_hist.pdbx_number_atoms_protein        648 
_refine_hist.pdbx_number_atoms_nucleic_acid   0 
_refine_hist.pdbx_number_atoms_ligand         1 
_refine_hist.number_atoms_solvent             0 
_refine_hist.number_atoms_total               649 
_refine_hist.d_res_high                       3.51 
_refine_hist.d_res_low                        20.00 
# 
loop_
_refine_ls_restr.type 
_refine_ls_restr.dev_ideal 
_refine_ls_restr.dev_ideal_target 
_refine_ls_restr.weight 
_refine_ls_restr.number 
_refine_ls_restr.pdbx_refine_id 
_refine_ls_restr.pdbx_restraint_function 
c_bond_d    0.011297 ? ? ? 'X-RAY DIFFRACTION' ? 
c_angle_deg 2.16166  ? ? ? 'X-RAY DIFFRACTION' ? 
# 
loop_
_refine_ls_shell.pdbx_total_number_of_bins_used 
_refine_ls_shell.d_res_high 
_refine_ls_shell.d_res_low 
_refine_ls_shell.number_reflns_R_work 
_refine_ls_shell.R_factor_R_work 
_refine_ls_shell.percent_reflns_obs 
_refine_ls_shell.R_factor_R_free 
_refine_ls_shell.R_factor_R_free_error 
_refine_ls_shell.percent_reflns_R_free 
_refine_ls_shell.number_reflns_R_free 
_refine_ls_shell.number_reflns_all 
_refine_ls_shell.R_factor_all 
_refine_ls_shell.number_reflns_obs 
_refine_ls_shell.redundancy_reflns_obs 
_refine_ls_shell.pdbx_refine_id 
6 3.51 3.56 . 0.3832 . 0.4044 . . 38 . . 895 . 'X-RAY DIFFRACTION' 
6 3.56 3.60 . 0.3905 . 0.3800 . . 57 . . 894 . 'X-RAY DIFFRACTION' 
6 3.60 3.65 . 0.4274 . 0.4786 . . 40 . . 939 . 'X-RAY DIFFRACTION' 
6 3.65 3.70 . 0.3983 . 0.3989 . . 55 . . 966 . 'X-RAY DIFFRACTION' 
6 3.70 3.75 . 0.4093 . 0.4133 . . 57 . . 950 . 'X-RAY DIFFRACTION' 
6 3.75 3.81 . 0.3880 . 0.4091 . . 44 . . 934 . 'X-RAY DIFFRACTION' 
# 
_struct.entry_id                  2Z41 
_struct.title                     'Crystal Structure Analysis of the Ski2-type RNA helicase' 
_struct.pdbx_model_details        ? 
_struct.pdbx_CASP_flag            ? 
_struct.pdbx_model_type_details   ? 
# 
_struct_keywords.entry_id        2Z41 
_struct_keywords.pdbx_keywords   HYDROLASE 
_struct_keywords.text            'RNA helicase, DNA helicase, HYDROLASE' 
# 
loop_
_struct_asym.id 
_struct_asym.pdbx_blank_PDB_chainid_flag 
_struct_asym.pdbx_modified 
_struct_asym.entity_id 
_struct_asym.details 
A N N 1 ? 
B N N 2 ? 
# 
_struct_ref.id                         1 
_struct_ref.db_name                    PDB 
_struct_ref.db_code                    2Z41 
_struct_ref.pdbx_db_accession          2Z41 
_struct_ref.entity_id                  1 
_struct_ref.pdbx_align_begin           ? 
_struct_ref.pdbx_seq_one_letter_code   ? 
_struct_ref.pdbx_db_isoform            ? 
# 
_struct_ref_seq.align_id                      1 
_struct_ref_seq.ref_id                        1 
_struct_ref_seq.pdbx_PDB_id_code              2Z41 
_struct_ref_seq.pdbx_strand_id                A 
_struct_ref_seq.seq_align_beg                 1 
_struct_ref_seq.pdbx_seq_align_beg_ins_code   ? 
_struct_ref_seq.seq_align_end                 648 
_struct_ref_seq.pdbx_seq_align_end_ins_code   ? 
_struct_ref_seq.pdbx_db_accession             2Z41 
_struct_ref_seq.db_align_beg                  3 
_struct_ref_seq.pdbx_db_align_beg_ins_code    ? 
_struct_ref_seq.db_align_end                  661 
_struct_ref_seq.pdbx_db_align_end_ins_code    ? 
_struct_ref_seq.pdbx_auth_seq_align_beg       3 
_struct_ref_seq.pdbx_auth_seq_align_end       661 
# 
_pdbx_struct_assembly.id                   1 
_pdbx_struct_assembly.details              software_defined_assembly 
_pdbx_struct_assembly.method_details       PISA 
_pdbx_struct_assembly.oligomeric_details   monomeric 
_pdbx_struct_assembly.oligomeric_count     1 
# 
_pdbx_struct_assembly_gen.assembly_id       1 
_pdbx_struct_assembly_gen.oper_expression   1 
_pdbx_struct_assembly_gen.asym_id_list      A,B 
# 
_pdbx_struct_oper_list.id                   1 
_pdbx_struct_oper_list.type                 'identity operation' 
_pdbx_struct_oper_list.name                 1_555 
_pdbx_struct_oper_list.symmetry_operation   x,y,z 
_pdbx_struct_oper_list.matrix[1][1]         1.0000000000 
_pdbx_struct_oper_list.matrix[1][2]         0.0000000000 
_pdbx_struct_oper_list.matrix[1][3]         0.0000000000 
_pdbx_struct_oper_list.vector[1]            0.0000000000 
_pdbx_struct_oper_list.matrix[2][1]         0.0000000000 
_pdbx_struct_oper_list.matrix[2][2]         1.0000000000 
_pdbx_struct_oper_list.matrix[2][3]         0.0000000000 
_pdbx_struct_oper_list.vector[2]            0.0000000000 
_pdbx_struct_oper_list.matrix[3][1]         0.0000000000 
_pdbx_struct_oper_list.matrix[3][2]         0.0000000000 
_pdbx_struct_oper_list.matrix[3][3]         1.0000000000 
_pdbx_struct_oper_list.vector[3]            0.0000000000 
# 
_struct_biol.id        1 
_struct_biol.details   'The biological unit is not determined. It may be a monomer.' 
# 
loop_
_pdbx_validate_symm_contact.id 
_pdbx_validate_symm_contact.PDB_model_num 
_pdbx_validate_symm_contact.auth_atom_id_1 
_pdbx_validate_symm_contact.auth_asym_id_1 
_pdbx_validate_symm_contact.auth_comp_id_1 
_pdbx_validate_symm_contact.auth_seq_id_1 
_pdbx_validate_symm_contact.PDB_ins_code_1 
_pdbx_validate_symm_contact.label_alt_id_1 
_pdbx_validate_symm_contact.site_symmetry_1 
_pdbx_validate_symm_contact.auth_atom_id_2 
_pdbx_validate_symm_contact.auth_asym_id_2 
_pdbx_validate_symm_contact.auth_comp_id_2 
_pdbx_validate_symm_contact.auth_seq_id_2 
_pdbx_validate_symm_contact.PDB_ins_code_2 
_pdbx_validate_symm_contact.label_alt_id_2 
_pdbx_validate_symm_contact.site_symmetry_2 
_pdbx_validate_symm_contact.dist 
1 1 CA A UNK 431 ? ? 1_555 CA A UNK 450 ? ? 7_556 1.47 
2 1 CA A UNK 387 ? ? 1_555 CA A UNK 387 ? ? 5_656 2.18 
# 
_pdbx_entry_details.entry_id                 2Z41 
_pdbx_entry_details.compound_details         ? 
_pdbx_entry_details.source_details           ? 
_pdbx_entry_details.nonpolymer_details       ? 
_pdbx_entry_details.sequence_details         
;BECAUSE THE ELECTRON DENSITY WAS POOR, THE SIDE CHAINS WERE 
PARTIALLY FITTED BY A HOMOLOGY MODEL MADE FROM RECQ PROTEIN 
(PDB ID: 1OYW).                                                
                                                             
ALTHOUGH REFINEMENT WAS PERFORMED BY THE MODEL CONTAINING A 
PART OF SIDE CHAINS OF PROTEIN, AMINO ACID SEQUENCE COULD 
NOT ASSIGNED IN THIS ENTRY.                                   
RESIDUE NUMBERING IS ARBITRARY, NOT CORRESPONDING TO THE ONE 
IN UNIPROT ENTRY, O59025.                                      
                                                             
THE FOLLOWING IS THE ONE-LETTER SEQUENCE FOR THE PROTEIN 
MODELED IN THIS STRUCTURE,                                    
                                                              
UNIPROT ENTRY O59025:                                        
                                                                
MKVEELRIDE RIKEVLKKRG ISELYPPQAE ALTSGILKGE NALIAIPTAS 
GKTLIAEIAI VNRLLKEGGK AVYLVPLKAL AEEKFKEFKD WEELGLKVAM 
ATGDYDSKDE WLGGYDIIIA TAEKFDSLLR HGSSWIRNVK VLVVDEIHLI 
GSRDRGATLE FIITQMLNRA QIIGLSATIG NPEELAEWLN AKLIKSDWRP 
VKLRRGVFYQ GFVFWEDGKT EKFNSWEELV YDAIKRSKGS LVFVNMRRKA 
EKTALELSKK IRNFLTKKEL RELKELAESL EENPTNEKLA KALQGGVAFH 
HAGLGREERV LVEENFKKGL IKVVVATPTL SAGINTPAFR VIVRDTWRYS 
EFGMERIPIL EIQQMMGRAG RPKYDEVGEA IIVSTTEEPS TVMERYIKGK 
PEKLFSQLSN ESILRGQILA LIATFNFSSF REIYDFLERT FYAYQGKDPY 
TLEDRIRDIV YFLLENEFIE ITLDDEIKAL PLGIRTAKLY IDPMTAKIFK 
DTLPKIEKDP NPLGILHVIS LTPDLIPLPY GKKELPMLED EYYSFKDRLY 
FELDWEDERK FLRAFKTALV LNAWINEVPE GEIVEKFNVE PGDIYRIVET 
AEWLVYSLKE IAKTLEYSQD VINYLETLRV RVKHGIREEL IPLMELPMIG 
RKRARALYNA GFRDLESIKN ARPAELLEVE GIGAKIVEAI LKHLGREVKI 
VQKPRKGTLD YYLHPAAALE HHHHHH                                   
                                                              
THE RESIDUES, AAALEHHHHHH, AT THE C-TERMINAL ARE EXPRESSION 
TAGS. IN ADDITION, ALL METS IN THIS PROTEIN WERE ENGINEERED 
TO MSE.
;
_pdbx_entry_details.has_ligand_of_interest   ? 
# 
_chem_comp_atom.comp_id              MG 
_chem_comp_atom.atom_id              MG 
_chem_comp_atom.type_symbol          MG 
_chem_comp_atom.pdbx_aromatic_flag   N 
_chem_comp_atom.pdbx_stereo_config   N 
_chem_comp_atom.pdbx_ordinal         1 
# 
_pdbx_coordinate_model.asym_id   A 
_pdbx_coordinate_model.type      'CA ATOMS ONLY' 
# 
_atom_sites.entry_id                    2Z41 
_atom_sites.fract_transf_matrix[1][1]   0.00474042 
_atom_sites.fract_transf_matrix[1][2]   -0.00457168 
_atom_sites.fract_transf_matrix[1][3]   0.00354030 
_atom_sites.fract_transf_matrix[2][1]   0.00527425 
_atom_sites.fract_transf_matrix[2][2]   0.00154242 
_atom_sites.fract_transf_matrix[2][3]   -0.00507038 
_atom_sites.fract_transf_matrix[3][1]   0.00237177 
_atom_sites.fract_transf_matrix[3][2]   0.00571652 
_atom_sites.fract_transf_matrix[3][3]   0.00420611 
_atom_sites.fract_transf_vector[1]      0.366227 
_atom_sites.fract_transf_vector[2]      0.214314 
_atom_sites.fract_transf_vector[3]      0.400750 
# 
loop_
_atom_type.symbol 
C  
MG 
# 
loop_
_atom_site.group_PDB 
_atom_site.id 
_atom_site.type_symbol 
_atom_site.label_atom_id 
_atom_site.label_alt_id 
_atom_site.label_comp_id 
_atom_site.label_asym_id 
_atom_site.label_entity_id 
_atom_site.label_seq_id 
_atom_site.pdbx_PDB_ins_code 
_atom_site.Cartn_x 
_atom_site.Cartn_y 
_atom_site.Cartn_z 
_atom_site.occupancy 
_atom_site.B_iso_or_equiv 
_atom_site.pdbx_formal_charge 
_atom_site.auth_seq_id 
_atom_site.auth_comp_id 
_atom_site.auth_asym_id 
_atom_site.auth_atom_id 
_atom_site.pdbx_PDB_model_num 
ATOM   1   C  CA . UNK A 1 1   ? -34.640 6.344   2.275   1.00 90.53  ? 3   UNK A CA 1 
ATOM   2   C  CA . UNK A 1 2   ? -33.823 5.118   -1.263  1.00 91.92  ? 4   UNK A CA 1 
ATOM   3   C  CA . UNK A 1 3   ? -34.733 7.429   -4.189  1.00 93.57  ? 5   UNK A CA 1 
ATOM   4   C  CA . UNK A 1 4   ? -33.083 10.837  -4.517  1.00 96.79  ? 6   UNK A CA 1 
ATOM   5   C  CA . UNK A 1 5   ? -31.991 12.870  -7.577  1.00 101.13 ? 7   UNK A CA 1 
ATOM   6   C  CA . UNK A 1 6   ? -30.651 9.812   -9.403  1.00 101.88 ? 8   UNK A CA 1 
ATOM   7   C  CA . UNK A 1 7   ? -31.040 8.776   -13.041 1.00 103.00 ? 9   UNK A CA 1 
ATOM   8   C  CA . UNK A 1 8   ? -30.776 5.725   -15.317 1.00 106.92 ? 10  UNK A CA 1 
ATOM   9   C  CA . UNK A 1 9   ? -27.553 3.696   -14.957 1.00 110.16 ? 11  UNK A CA 1 
ATOM   10  C  CA . UNK A 1 10  ? -28.422 5.375   -10.855 1.00 109.08 ? 12  UNK A CA 1 
ATOM   11  C  CA . UNK A 1 11  ? -31.616 3.485   -10.013 1.00 111.67 ? 13  UNK A CA 1 
ATOM   12  C  CA . UNK A 1 12  ? -30.583 0.765   -12.480 1.00 115.63 ? 14  UNK A CA 1 
ATOM   13  C  CA . UNK A 1 13  ? -27.581 0.236   -10.221 1.00 118.34 ? 15  UNK A CA 1 
ATOM   14  C  CA . UNK A 1 14  ? -29.617 -1.058  -7.310  1.00 118.63 ? 16  UNK A CA 1 
ATOM   15  C  CA . UNK A 1 15  ? -32.592 -2.919  -8.724  1.00 120.47 ? 17  UNK A CA 1 
ATOM   16  C  CA . UNK A 1 16  ? -29.974 -4.816  -10.734 1.00 119.26 ? 18  UNK A CA 1 
ATOM   17  C  CA . UNK A 1 17  ? -27.194 -5.291  -8.200  1.00 116.70 ? 19  UNK A CA 1 
ATOM   18  C  CA . UNK A 1 18  ? -29.070 -5.670  -4.954  1.00 115.06 ? 20  UNK A CA 1 
ATOM   19  C  CA . UNK A 1 19  ? -31.037 -4.466  -1.925  1.00 116.49 ? 21  UNK A CA 1 
ATOM   20  C  CA . UNK A 1 20  ? -31.856 -0.753  -2.055  1.00 116.59 ? 22  UNK A CA 1 
ATOM   21  C  CA . UNK A 1 21  ? -32.415 1.110   1.216   1.00 118.02 ? 23  UNK A CA 1 
ATOM   22  C  CA . UNK A 1 22  ? -29.378 3.341   1.797   1.00 114.88 ? 24  UNK A CA 1 
ATOM   23  C  CA . UNK A 1 23  ? -27.376 2.299   4.855   1.00 113.93 ? 25  UNK A CA 1 
ATOM   24  C  CA . UNK A 1 24  ? -28.533 5.143   7.151   1.00 115.62 ? 26  UNK A CA 1 
ATOM   25  C  CA . UNK A 1 25  ? -26.594 7.482   7.368   1.00 114.67 ? 27  UNK A CA 1 
ATOM   26  C  CA . UNK A 1 26  ? -25.381 7.210   3.762   1.00 113.52 ? 28  UNK A CA 1 
ATOM   27  C  CA . UNK A 1 27  ? -28.421 9.257   2.763   1.00 110.27 ? 29  UNK A CA 1 
ATOM   28  C  CA . UNK A 1 28  ? -27.158 11.445  5.602   1.00 106.06 ? 30  UNK A CA 1 
ATOM   29  C  CA . UNK A 1 29  ? -24.307 11.881  3.144   1.00 102.56 ? 31  UNK A CA 1 
ATOM   30  C  CA . UNK A 1 30  ? -25.907 12.114  -0.320  1.00 97.95  ? 32  UNK A CA 1 
ATOM   31  C  CA . UNK A 1 31  ? -28.477 14.436  1.243   1.00 97.38  ? 33  UNK A CA 1 
ATOM   32  C  CA . UNK A 1 32  ? -25.502 16.345  2.597   1.00 93.87  ? 34  UNK A CA 1 
ATOM   33  C  CA . UNK A 1 33  ? -25.028 18.648  -0.355  1.00 92.90  ? 35  UNK A CA 1 
ATOM   34  C  CA . UNK A 1 34  ? -22.651 16.545  -2.456  1.00 88.68  ? 36  UNK A CA 1 
ATOM   35  C  CA . UNK A 1 35  ? -23.872 15.852  -6.026  1.00 86.48  ? 37  UNK A CA 1 
ATOM   36  C  CA . UNK A 1 36  ? -23.535 19.625  -6.223  1.00 85.51  ? 38  UNK A CA 1 
ATOM   37  C  CA . UNK A 1 37  ? -19.809 19.218  -5.893  1.00 83.75  ? 39  UNK A CA 1 
ATOM   38  C  CA . UNK A 1 38  ? -19.418 20.685  -2.399  1.00 84.35  ? 40  UNK A CA 1 
ATOM   39  C  CA . UNK A 1 39  ? -16.548 18.374  -1.332  1.00 77.18  ? 41  UNK A CA 1 
ATOM   40  C  CA . UNK A 1 40  ? -17.186 16.188  1.784   1.00 65.54  ? 42  UNK A CA 1 
ATOM   41  C  CA . UNK A 1 41  ? -15.861 13.785  4.408   1.00 59.50  ? 43  UNK A CA 1 
ATOM   42  C  CA . UNK A 1 42  ? -17.294 10.719  6.171   1.00 64.07  ? 44  UNK A CA 1 
ATOM   43  C  CA . UNK A 1 43  ? -17.135 8.242   9.154   1.00 67.66  ? 45  UNK A CA 1 
ATOM   44  C  CA . UNK A 1 44  ? -16.525 4.453   9.586   1.00 75.60  ? 46  UNK A CA 1 
ATOM   45  C  CA . UNK A 1 45  ? -15.257 2.431   6.529   1.00 83.57  ? 47  UNK A CA 1 
ATOM   46  C  CA . UNK A 1 46  ? -16.811 -0.285  8.613   1.00 85.51  ? 48  UNK A CA 1 
ATOM   47  C  CA . UNK A 1 47  ? -20.043 0.710   6.817   1.00 82.27  ? 49  UNK A CA 1 
ATOM   48  C  CA . UNK A 1 48  ? -18.005 1.133   3.541   1.00 78.41  ? 50  UNK A CA 1 
ATOM   49  C  CA . UNK A 1 49  ? -20.717 3.410   2.230   1.00 79.28  ? 51  UNK A CA 1 
ATOM   50  C  CA . UNK A 1 50  ? -17.670 5.414   1.329   1.00 77.63  ? 52  UNK A CA 1 
ATOM   51  C  CA . UNK A 1 51  ? -17.310 4.155   -2.269  1.00 75.26  ? 53  UNK A CA 1 
ATOM   52  C  CA . UNK A 1 52  ? -20.851 2.878   -2.635  1.00 73.13  ? 54  UNK A CA 1 
ATOM   53  C  CA . UNK A 1 53  ? -21.434 6.588   -1.989  1.00 67.06  ? 55  UNK A CA 1 
ATOM   54  C  CA . UNK A 1 54  ? -18.785 7.826   -4.358  1.00 67.30  ? 56  UNK A CA 1 
ATOM   55  C  CA . UNK A 1 55  ? -20.101 5.142   -6.673  1.00 75.10  ? 57  UNK A CA 1 
ATOM   56  C  CA . UNK A 1 56  ? -22.988 7.599   -6.899  1.00 83.27  ? 58  UNK A CA 1 
ATOM   57  C  CA . UNK A 1 57  ? -21.619 11.142  -6.995  1.00 87.44  ? 59  UNK A CA 1 
ATOM   58  C  CA . UNK A 1 58  ? -19.035 10.111  -9.581  1.00 93.01  ? 60  UNK A CA 1 
ATOM   59  C  CA . UNK A 1 59  ? -21.252 8.216   -12.066 1.00 96.92  ? 61  UNK A CA 1 
ATOM   60  C  CA . UNK A 1 60  ? -23.520 11.228  -11.742 1.00 99.89  ? 62  UNK A CA 1 
ATOM   61  C  CA . UNK A 1 61  ? -21.707 14.499  -12.446 1.00 103.83 ? 63  UNK A CA 1 
ATOM   62  C  CA . UNK A 1 62  ? -20.050 12.598  -15.276 1.00 102.70 ? 64  UNK A CA 1 
ATOM   63  C  CA . UNK A 1 63  ? -23.615 12.210  -16.477 1.00 103.31 ? 65  UNK A CA 1 
ATOM   64  C  CA . UNK A 1 64  ? -25.072 15.650  -15.711 1.00 105.77 ? 66  UNK A CA 1 
ATOM   65  C  CA . UNK A 1 65  ? -21.882 17.711  -16.229 1.00 105.54 ? 67  UNK A CA 1 
ATOM   66  C  CA . UNK A 1 66  ? -18.777 16.468  -18.038 1.00 98.00  ? 68  UNK A CA 1 
ATOM   67  C  CA . UNK A 1 67  ? -16.310 13.582  -17.775 1.00 86.46  ? 69  UNK A CA 1 
ATOM   68  C  CA . UNK A 1 68  ? -13.240 12.491  -15.774 1.00 73.09  ? 70  UNK A CA 1 
ATOM   69  C  CA . UNK A 1 69  ? -13.055 11.331  -12.153 1.00 64.27  ? 71  UNK A CA 1 
ATOM   70  C  CA . UNK A 1 70  ? -9.963  10.249  -10.195 1.00 56.13  ? 72  UNK A CA 1 
ATOM   71  C  CA . UNK A 1 71  ? -10.097 7.832   -7.327  1.00 54.89  ? 73  UNK A CA 1 
ATOM   72  C  CA . UNK A 1 72  ? -6.864  7.963   -5.381  1.00 55.06  ? 74  UNK A CA 1 
ATOM   73  C  CA . UNK A 1 73  ? -6.449  4.725   -3.393  1.00 58.83  ? 75  UNK A CA 1 
ATOM   74  C  CA . UNK A 1 74  ? -4.242  3.803   -0.386  1.00 63.98  ? 76  UNK A CA 1 
ATOM   75  C  CA . UNK A 1 75  ? -2.145  1.018   -1.926  1.00 68.63  ? 77  UNK A CA 1 
ATOM   76  C  CA . UNK A 1 76  ? -1.876  -0.746  -5.275  1.00 72.20  ? 78  UNK A CA 1 
ATOM   77  C  CA . UNK A 1 77  ? -3.791  -3.548  -3.641  1.00 79.27  ? 79  UNK A CA 1 
ATOM   78  C  CA . UNK A 1 78  ? -7.203  -1.922  -3.329  1.00 81.00  ? 80  UNK A CA 1 
ATOM   79  C  CA . UNK A 1 79  ? -6.849  -0.799  -6.920  1.00 81.66  ? 81  UNK A CA 1 
ATOM   80  C  CA . UNK A 1 80  ? -8.523  -4.052  -7.957  1.00 81.62  ? 82  UNK A CA 1 
ATOM   81  C  CA . UNK A 1 81  ? -11.339 -2.331  -6.098  1.00 78.31  ? 83  UNK A CA 1 
ATOM   82  C  CA . UNK A 1 82  ? -12.686 -1.568  -9.515  1.00 83.20  ? 84  UNK A CA 1 
ATOM   83  C  CA . UNK A 1 83  ? -14.685 -4.756  -10.118 1.00 94.34  ? 85  UNK A CA 1 
ATOM   84  C  CA . UNK A 1 84  ? -17.040 -3.178  -7.485  1.00 98.62  ? 86  UNK A CA 1 
ATOM   85  C  CA . UNK A 1 85  ? -17.088 0.102   -9.415  1.00 95.79  ? 87  UNK A CA 1 
ATOM   86  C  CA . UNK A 1 86  ? -16.959 -1.569  -12.823 1.00 94.63  ? 88  UNK A CA 1 
ATOM   87  C  CA . UNK A 1 87  ? -20.639 -2.305  -12.822 1.00 88.80  ? 89  UNK A CA 1 
ATOM   88  C  CA . UNK A 1 88  ? -21.323 1.387   -13.535 1.00 83.87  ? 90  UNK A CA 1 
ATOM   89  C  CA . UNK A 1 89  ? -19.931 0.470   -17.019 1.00 85.63  ? 91  UNK A CA 1 
ATOM   90  C  CA . UNK A 1 90  ? -18.754 4.737   -19.186 1.00 74.86  ? 96  UNK A CA 1 
ATOM   91  C  CA . UNK A 1 91  ? -15.050 3.871   -19.475 1.00 79.34  ? 97  UNK A CA 1 
ATOM   92  C  CA . UNK A 1 92  ? -12.541 3.110   -16.672 1.00 80.21  ? 98  UNK A CA 1 
ATOM   93  C  CA . UNK A 1 93  ? -8.897  2.081   -16.172 1.00 86.32  ? 99  UNK A CA 1 
ATOM   94  C  CA . UNK A 1 94  ? -6.200  1.581   -13.487 1.00 90.25  ? 100 UNK A CA 1 
ATOM   95  C  CA . UNK A 1 95  ? -2.735  3.137   -13.222 1.00 94.94  ? 101 UNK A CA 1 
ATOM   96  C  CA . UNK A 1 96  ? 0.499   2.378   -11.244 1.00 100.02 ? 102 UNK A CA 1 
ATOM   97  C  CA . UNK A 1 97  ? 3.725   1.032   -12.768 1.00 100.84 ? 103 UNK A CA 1 
ATOM   98  C  CA . UNK A 1 98  ? 6.781   3.154   -13.604 1.00 97.30  ? 104 UNK A CA 1 
ATOM   99  C  CA . UNK A 1 99  ? 5.708   6.725   -12.902 1.00 91.75  ? 105 UNK A CA 1 
ATOM   100 C  CA . UNK A 1 100 ? 7.875   8.129   -15.694 1.00 96.87  ? 106 UNK A CA 1 
ATOM   101 C  CA . UNK A 1 101 ? 5.342   8.006   -18.581 1.00 101.88 ? 107 UNK A CA 1 
ATOM   102 C  CA . UNK A 1 102 ? 2.814   10.797  -19.225 1.00 104.53 ? 108 UNK A CA 1 
ATOM   103 C  CA . UNK A 1 103 ? 0.335   8.032   -20.031 1.00 105.84 ? 109 UNK A CA 1 
ATOM   104 C  CA . UNK A 1 104 ? -1.776  9.649   -22.728 1.00 105.95 ? 110 UNK A CA 1 
ATOM   105 C  CA . UNK A 1 105 ? -3.538  6.291   -23.047 1.00 102.18 ? 111 UNK A CA 1 
ATOM   106 C  CA . UNK A 1 106 ? -5.901  7.428   -20.322 1.00 96.43  ? 112 UNK A CA 1 
ATOM   107 C  CA . UNK A 1 107 ? -7.479  10.433  -21.978 1.00 94.11  ? 113 UNK A CA 1 
ATOM   108 C  CA . UNK A 1 108 ? -10.571 8.314   -22.501 1.00 91.95  ? 114 UNK A CA 1 
ATOM   109 C  CA . UNK A 1 109 ? -11.910 6.263   -19.602 1.00 85.98  ? 115 UNK A CA 1 
ATOM   110 C  CA . UNK A 1 110 ? -14.070 8.725   -17.687 1.00 77.78  ? 116 UNK A CA 1 
ATOM   111 C  CA . UNK A 1 111 ? -13.118 7.081   -14.372 1.00 68.22  ? 117 UNK A CA 1 
ATOM   112 C  CA . UNK A 1 112 ? -9.464  6.427   -13.560 1.00 56.58  ? 118 UNK A CA 1 
ATOM   113 C  CA . UNK A 1 113 ? -8.393  4.919   -10.257 1.00 49.99  ? 119 UNK A CA 1 
ATOM   114 C  CA . UNK A 1 114 ? -4.804  4.780   -9.019  1.00 46.94  ? 120 UNK A CA 1 
ATOM   115 C  CA . UNK A 1 115 ? -2.484  5.033   -6.065  1.00 48.79  ? 121 UNK A CA 1 
ATOM   116 C  CA . UNK A 1 116 ? -2.007  8.612   -4.987  1.00 47.41  ? 122 UNK A CA 1 
ATOM   117 C  CA . UNK A 1 117 ? 1.718   8.135   -5.377  1.00 48.77  ? 123 UNK A CA 1 
ATOM   118 C  CA . UNK A 1 118 ? 0.921   7.308   -8.977  1.00 49.42  ? 124 UNK A CA 1 
ATOM   119 C  CA . UNK A 1 119 ? -1.596  10.016  -9.690  1.00 45.42  ? 125 UNK A CA 1 
ATOM   120 C  CA . UNK A 1 120 ? 0.791   12.361  -7.946  1.00 43.71  ? 126 UNK A CA 1 
ATOM   121 C  CA . UNK A 1 121 ? 3.440   11.206  -10.369 1.00 44.07  ? 127 UNK A CA 1 
ATOM   122 C  CA . UNK A 1 122 ? 1.167   11.461  -13.361 1.00 49.52  ? 128 UNK A CA 1 
ATOM   123 C  CA . UNK A 1 123 ? 0.392   14.896  -11.966 1.00 55.48  ? 129 UNK A CA 1 
ATOM   124 C  CA . UNK A 1 124 ? 4.052   15.897  -12.566 1.00 63.44  ? 130 UNK A CA 1 
ATOM   125 C  CA . UNK A 1 125 ? 4.639   16.475  -16.278 1.00 79.01  ? 131 UNK A CA 1 
ATOM   126 C  CA . UNK A 1 126 ? 0.944   17.236  -15.982 1.00 87.04  ? 132 UNK A CA 1 
ATOM   127 C  CA . UNK A 1 127 ? 0.963   17.451  -19.788 1.00 94.70  ? 133 UNK A CA 1 
ATOM   128 C  CA . UNK A 1 128 ? -2.290  15.535  -19.663 1.00 91.74  ? 134 UNK A CA 1 
ATOM   129 C  CA . UNK A 1 129 ? -6.042  15.569  -19.386 1.00 92.94  ? 135 UNK A CA 1 
ATOM   130 C  CA . UNK A 1 130 ? -5.907  16.313  -15.682 1.00 94.32  ? 136 UNK A CA 1 
ATOM   131 C  CA . UNK A 1 131 ? -7.357  19.636  -16.874 1.00 96.74  ? 137 UNK A CA 1 
ATOM   132 C  CA . UNK A 1 132 ? -10.634 17.692  -17.010 1.00 93.40  ? 138 UNK A CA 1 
ATOM   133 C  CA . UNK A 1 133 ? -11.171 16.215  -13.556 1.00 85.28  ? 139 UNK A CA 1 
ATOM   134 C  CA . UNK A 1 134 ? -13.880 17.807  -11.525 1.00 78.81  ? 140 UNK A CA 1 
ATOM   135 C  CA . UNK A 1 135 ? -13.860 14.651  -9.369  1.00 70.93  ? 141 UNK A CA 1 
ATOM   136 C  CA . UNK A 1 136 ? -11.068 13.342  -7.143  1.00 61.30  ? 142 UNK A CA 1 
ATOM   137 C  CA . UNK A 1 137 ? -12.052 11.069  -4.319  1.00 55.90  ? 143 UNK A CA 1 
ATOM   138 C  CA . UNK A 1 138 ? -9.368  10.270  -1.838  1.00 53.24  ? 144 UNK A CA 1 
ATOM   139 C  CA . UNK A 1 139 ? -10.187 7.037   -0.065  1.00 54.26  ? 145 UNK A CA 1 
ATOM   140 C  CA . UNK A 1 140 ? -8.738  6.328   3.356   1.00 55.04  ? 146 UNK A CA 1 
ATOM   141 C  CA . UNK A 1 141 ? -8.037  10.080  3.398   1.00 50.14  ? 147 UNK A CA 1 
ATOM   142 C  CA . UNK A 1 142 ? -7.187  9.777   7.074   1.00 53.14  ? 148 UNK A CA 1 
ATOM   143 C  CA . UNK A 1 143 ? -3.790  8.436   6.083   1.00 52.96  ? 149 UNK A CA 1 
ATOM   144 C  CA . UNK A 1 144 ? -2.875  12.076  5.476   1.00 52.09  ? 150 UNK A CA 1 
ATOM   145 C  CA . UNK A 1 145 ? -1.723  11.960  9.070   1.00 56.61  ? 151 UNK A CA 1 
ATOM   146 C  CA . UNK A 1 146 ? 0.606   9.075   8.261   1.00 60.62  ? 152 UNK A CA 1 
ATOM   147 C  CA . UNK A 1 147 ? 4.399   9.162   8.186   1.00 66.93  ? 153 UNK A CA 1 
ATOM   148 C  CA . UNK A 1 148 ? 4.707   8.251   4.528   1.00 66.94  ? 154 UNK A CA 1 
ATOM   149 C  CA . UNK A 1 149 ? 1.665   8.672   2.330   1.00 67.28  ? 155 UNK A CA 1 
ATOM   150 C  CA . UNK A 1 150 ? 1.107   11.621  4.699   1.00 59.48  ? 156 UNK A CA 1 
ATOM   151 C  CA . UNK A 1 151 ? 2.356   14.548  2.632   1.00 53.34  ? 157 UNK A CA 1 
ATOM   152 C  CA . UNK A 1 152 ? 2.522   12.510  -0.565  1.00 52.57  ? 158 UNK A CA 1 
ATOM   153 C  CA . UNK A 1 153 ? -1.185  13.116  -0.062  1.00 53.38  ? 159 UNK A CA 1 
ATOM   154 C  CA . UNK A 1 154 ? -1.375  16.406  1.870   1.00 58.78  ? 160 UNK A CA 1 
ATOM   155 C  CA . UNK A 1 155 ? 0.279   17.705  -1.290  1.00 62.17  ? 161 UNK A CA 1 
ATOM   156 C  CA . UNK A 1 156 ? -1.832  16.051  -3.980  1.00 61.07  ? 162 UNK A CA 1 
ATOM   157 C  CA . UNK A 1 157 ? -4.695  17.472  -1.911  1.00 63.25  ? 163 UNK A CA 1 
ATOM   158 C  CA . UNK A 1 158 ? -3.697  21.050  -1.067  1.00 64.63  ? 164 UNK A CA 1 
ATOM   159 C  CA . UNK A 1 159 ? -2.698  20.891  -4.766  1.00 65.30  ? 165 UNK A CA 1 
ATOM   160 C  CA . UNK A 1 160 ? -6.164  20.678  -6.372  1.00 61.03  ? 166 UNK A CA 1 
ATOM   161 C  CA . UNK A 1 161 ? -8.226  22.284  -3.625  1.00 67.73  ? 167 UNK A CA 1 
ATOM   162 C  CA . UNK A 1 162 ? -9.351  24.302  -6.636  1.00 73.32  ? 168 UNK A CA 1 
ATOM   163 C  CA . UNK A 1 163 ? -9.828  21.528  -9.205  1.00 77.79  ? 169 UNK A CA 1 
ATOM   164 C  CA . UNK A 1 164 ? -13.253 20.494  -7.982  1.00 77.27  ? 170 UNK A CA 1 
ATOM   165 C  CA . UNK A 1 165 ? -14.768 17.528  -6.140  1.00 77.75  ? 171 UNK A CA 1 
ATOM   166 C  CA . UNK A 1 166 ? -12.775 16.125  -3.268  1.00 69.47  ? 172 UNK A CA 1 
ATOM   167 C  CA . UNK A 1 167 ? -14.420 13.306  -1.346  1.00 63.16  ? 173 UNK A CA 1 
ATOM   168 C  CA . UNK A 1 168 ? -12.794 12.260  1.915   1.00 60.68  ? 174 UNK A CA 1 
ATOM   169 C  CA . UNK A 1 169 ? -14.631 9.117   3.040   1.00 59.16  ? 175 UNK A CA 1 
ATOM   170 C  CA . UNK A 1 170 ? -12.354 7.785   5.765   1.00 57.70  ? 176 UNK A CA 1 
ATOM   171 C  CA . UNK A 1 171 ? -12.440 6.236   9.258   1.00 62.45  ? 177 UNK A CA 1 
ATOM   172 C  CA . UNK A 1 172 ? -13.326 8.621   12.137  1.00 65.92  ? 178 UNK A CA 1 
ATOM   173 C  CA . UNK A 1 173 ? -10.514 10.776  13.474  1.00 71.80  ? 179 UNK A CA 1 
ATOM   174 C  CA . UNK A 1 174 ? -10.147 13.133  16.436  1.00 78.81  ? 180 UNK A CA 1 
ATOM   175 C  CA . UNK A 1 175 ? -12.221 16.039  15.184  1.00 88.53  ? 181 UNK A CA 1 
ATOM   176 C  CA . UNK A 1 176 ? -12.594 15.898  11.379  1.00 90.58  ? 182 UNK A CA 1 
ATOM   177 C  CA . UNK A 1 177 ? -13.240 19.545  12.034  1.00 94.62  ? 183 UNK A CA 1 
ATOM   178 C  CA . UNK A 1 178 ? -9.684  20.495  11.084  1.00 94.76  ? 184 UNK A CA 1 
ATOM   179 C  CA . UNK A 1 179 ? -10.720 18.668  7.926   1.00 92.02  ? 185 UNK A CA 1 
ATOM   180 C  CA . UNK A 1 180 ? -13.884 20.748  7.931   1.00 94.59  ? 186 UNK A CA 1 
ATOM   181 C  CA . UNK A 1 181 ? -11.553 23.450  6.636   1.00 98.22  ? 187 UNK A CA 1 
ATOM   182 C  CA . UNK A 1 182 ? -10.911 23.139  2.912   1.00 101.40 ? 188 UNK A CA 1 
ATOM   183 C  CA . UNK A 1 183 ? -14.512 23.649  1.649   1.00 100.61 ? 189 UNK A CA 1 
ATOM   184 C  CA . UNK A 1 184 ? -14.870 20.229  3.199   1.00 100.50 ? 190 UNK A CA 1 
ATOM   185 C  CA . UNK A 1 185 ? -18.716 19.950  3.461   1.00 95.09  ? 191 UNK A CA 1 
ATOM   186 C  CA . UNK A 1 186 ? -20.029 19.400  6.990   1.00 94.33  ? 192 UNK A CA 1 
ATOM   187 C  CA . UNK A 1 187 ? -18.058 16.194  7.560   1.00 87.59  ? 193 UNK A CA 1 
ATOM   188 C  CA . UNK A 1 188 ? -20.603 13.508  8.222   1.00 80.42  ? 194 UNK A CA 1 
ATOM   189 C  CA . UNK A 1 189 ? -19.100 12.602  11.614  1.00 82.11  ? 195 UNK A CA 1 
ATOM   190 C  CA . UNK A 1 190 ? -20.929 9.346   12.448  1.00 84.19  ? 196 UNK A CA 1 
ATOM   191 C  CA . UNK A 1 191 ? -20.522 5.929   14.018  1.00 89.45  ? 197 UNK A CA 1 
ATOM   192 C  CA . UNK A 1 192 ? -23.456 3.911   12.762  1.00 92.66  ? 198 UNK A CA 1 
ATOM   193 C  CA . UNK A 1 193 ? -22.262 0.318   12.100  1.00 93.07  ? 199 UNK A CA 1 
ATOM   194 C  CA . UNK A 1 194 ? -24.501 -1.820  9.826   1.00 90.39  ? 200 UNK A CA 1 
ATOM   195 C  CA . UNK A 1 195 ? -24.590 -4.835  12.142  1.00 84.04  ? 201 UNK A CA 1 
ATOM   196 C  CA . UNK A 1 196 ? -24.122 -4.268  15.888  1.00 83.38  ? 202 UNK A CA 1 
ATOM   197 C  CA . UNK A 1 197 ? -20.576 -4.973  17.134  1.00 83.07  ? 203 UNK A CA 1 
ATOM   198 C  CA . UNK A 1 198 ? -19.583 -6.203  20.587  1.00 85.07  ? 204 UNK A CA 1 
ATOM   199 C  CA . UNK A 1 199 ? -16.199 -4.522  20.935  1.00 87.58  ? 205 UNK A CA 1 
ATOM   200 C  CA . UNK A 1 200 ? -15.193 -4.653  24.570  1.00 90.16  ? 206 UNK A CA 1 
ATOM   201 C  CA . UNK A 1 201 ? -12.922 -7.605  25.424  1.00 89.02  ? 207 UNK A CA 1 
ATOM   202 C  CA . UNK A 1 202 ? -9.527  -8.658  26.769  1.00 85.43  ? 208 UNK A CA 1 
ATOM   203 C  CA . UNK A 1 203 ? -7.873  -11.577 28.589  1.00 80.17  ? 209 UNK A CA 1 
ATOM   204 C  CA . UNK A 1 204 ? -5.789  -13.066 31.472  1.00 77.14  ? 210 UNK A CA 1 
ATOM   205 C  CA . UNK A 1 205 ? -8.313  -15.559 32.828  1.00 75.87  ? 211 UNK A CA 1 
ATOM   206 C  CA . UNK A 1 206 ? -10.472 -13.278 30.661  1.00 75.19  ? 212 UNK A CA 1 
ATOM   207 C  CA . UNK A 1 207 ? -12.779 -10.241 30.969  1.00 72.46  ? 213 UNK A CA 1 
ATOM   208 C  CA . UNK A 1 208 ? -15.142 -9.119  28.156  1.00 74.59  ? 214 UNK A CA 1 
ATOM   209 C  CA . UNK A 1 209 ? -17.769 -6.735  26.820  1.00 81.96  ? 215 UNK A CA 1 
ATOM   210 C  CA . UNK A 1 210 ? -18.075 -2.938  26.748  1.00 89.93  ? 216 UNK A CA 1 
ATOM   211 C  CA . UNK A 1 211 ? -20.517 -3.927  29.457  1.00 94.02  ? 217 UNK A CA 1 
ATOM   212 C  CA . UNK A 1 212 ? -19.924 -5.709  32.770  1.00 94.78  ? 218 UNK A CA 1 
ATOM   213 C  CA . UNK A 1 213 ? -20.451 -9.324  31.687  1.00 93.46  ? 219 UNK A CA 1 
ATOM   214 C  CA . UNK A 1 214 ? -17.123 -11.106 31.844  1.00 88.26  ? 220 UNK A CA 1 
ATOM   215 C  CA . UNK A 1 215 ? -17.067 -14.635 30.465  1.00 85.31  ? 221 UNK A CA 1 
ATOM   216 C  CA . UNK A 1 216 ? -13.916 -16.768 30.735  1.00 81.58  ? 222 UNK A CA 1 
ATOM   217 C  CA . UNK A 1 217 ? -12.126 -19.090 28.269  1.00 81.71  ? 223 UNK A CA 1 
ATOM   218 C  CA . UNK A 1 218 ? -8.561  -19.929 27.219  1.00 77.69  ? 224 UNK A CA 1 
ATOM   219 C  CA . UNK A 1 219 ? -6.199  -20.242 24.223  1.00 79.41  ? 225 UNK A CA 1 
ATOM   220 C  CA . UNK A 1 220 ? -4.718  -16.936 22.958  1.00 74.75  ? 226 UNK A CA 1 
ATOM   221 C  CA . UNK A 1 221 ? -8.295  -17.192 21.679  1.00 65.76  ? 227 UNK A CA 1 
ATOM   222 C  CA . UNK A 1 222 ? -10.665 -20.043 22.508  1.00 58.10  ? 228 UNK A CA 1 
ATOM   223 C  CA . UNK A 1 223 ? -13.158 -17.733 20.939  1.00 55.28  ? 229 UNK A CA 1 
ATOM   224 C  CA . UNK A 1 224 ? -11.730 -18.855 17.639  1.00 58.61  ? 230 UNK A CA 1 
ATOM   225 C  CA . UNK A 1 225 ? -13.521 -22.171 18.181  1.00 60.73  ? 231 UNK A CA 1 
ATOM   226 C  CA . UNK A 1 226 ? -16.762 -20.982 19.616  1.00 60.86  ? 232 UNK A CA 1 
ATOM   227 C  CA . UNK A 1 227 ? -16.660 -18.928 16.403  1.00 63.09  ? 233 UNK A CA 1 
ATOM   228 C  CA . UNK A 1 228 ? -16.372 -21.919 14.084  1.00 66.97  ? 234 UNK A CA 1 
ATOM   229 C  CA . UNK A 1 229 ? -18.748 -24.056 16.069  1.00 70.86  ? 235 UNK A CA 1 
ATOM   230 C  CA . UNK A 1 230 ? -21.147 -21.099 16.521  1.00 80.00  ? 236 UNK A CA 1 
ATOM   231 C  CA . UNK A 1 231 ? -21.292 -20.707 12.715  1.00 81.08  ? 237 UNK A CA 1 
ATOM   232 C  CA . UNK A 1 232 ? -18.138 -19.657 10.928  1.00 78.45  ? 238 UNK A CA 1 
ATOM   233 C  CA . UNK A 1 233 ? -15.903 -16.809 12.043  1.00 70.34  ? 239 UNK A CA 1 
ATOM   234 C  CA . UNK A 1 234 ? -12.341 -16.051 13.153  1.00 60.46  ? 240 UNK A CA 1 
ATOM   235 C  CA . UNK A 1 235 ? -10.012 -13.401 11.775  1.00 45.65  ? 241 UNK A CA 1 
ATOM   236 C  CA . UNK A 1 236 ? -6.926  -13.042 13.986  1.00 42.92  ? 242 UNK A CA 1 
ATOM   237 C  CA . UNK A 1 237 ? -4.118  -10.369 13.781  1.00 48.29  ? 243 UNK A CA 1 
ATOM   238 C  CA . UNK A 1 238 ? -0.563  -10.671 15.052  1.00 56.49  ? 244 UNK A CA 1 
ATOM   239 C  CA . UNK A 1 239 ? 2.664   -8.644  14.940  1.00 67.30  ? 245 UNK A CA 1 
ATOM   240 C  CA . UNK A 1 240 ? 4.351   -9.977  11.880  1.00 77.34  ? 246 UNK A CA 1 
ATOM   241 C  CA . UNK A 1 241 ? 5.791   -12.944 10.006  1.00 80.54  ? 247 UNK A CA 1 
ATOM   242 C  CA . UNK A 1 242 ? 6.528   -15.956 12.184  1.00 82.08  ? 248 UNK A CA 1 
ATOM   243 C  CA . UNK A 1 243 ? 3.592   -16.027 14.652  1.00 80.97  ? 249 UNK A CA 1 
ATOM   244 C  CA . UNK A 1 244 ? 1.132   -15.327 11.865  1.00 80.30  ? 250 UNK A CA 1 
ATOM   245 C  CA . UNK A 1 245 ? 2.218   -18.767 10.693  1.00 78.70  ? 251 UNK A CA 1 
ATOM   246 C  CA . UNK A 1 246 ? 3.010   -20.502 13.959  1.00 77.33  ? 252 UNK A CA 1 
ATOM   247 C  CA . UNK A 1 247 ? -0.567  -19.992 15.141  1.00 71.96  ? 253 UNK A CA 1 
ATOM   248 C  CA . UNK A 1 248 ? -2.121  -20.100 11.689  1.00 71.91  ? 254 UNK A CA 1 
ATOM   249 C  CA . UNK A 1 249 ? -1.088  -23.699 12.239  1.00 71.85  ? 255 UNK A CA 1 
ATOM   250 C  CA . UNK A 1 250 ? -2.025  -24.519 15.788  1.00 74.65  ? 256 UNK A CA 1 
ATOM   251 C  CA . UNK A 1 251 ? -5.557  -23.314 14.973  1.00 74.31  ? 257 UNK A CA 1 
ATOM   252 C  CA . UNK A 1 252 ? -5.562  -25.536 11.910  1.00 74.56  ? 258 UNK A CA 1 
ATOM   253 C  CA . UNK A 1 253 ? -4.863  -28.545 14.146  1.00 73.72  ? 259 UNK A CA 1 
ATOM   254 C  CA . UNK A 1 254 ? -8.060  -28.205 16.178  1.00 74.39  ? 260 UNK A CA 1 
ATOM   255 C  CA . UNK A 1 255 ? -10.571 -26.246 14.078  1.00 72.48  ? 261 UNK A CA 1 
ATOM   256 C  CA . UNK A 1 256 ? -9.768  -28.894 11.516  1.00 73.27  ? 262 UNK A CA 1 
ATOM   257 C  CA . UNK A 1 257 ? -12.315 -31.178 13.103  1.00 69.08  ? 263 UNK A CA 1 
ATOM   258 C  CA . UNK A 1 258 ? -15.246 -28.953 12.443  1.00 67.26  ? 264 UNK A CA 1 
ATOM   259 C  CA . UNK A 1 259 ? -14.269 -29.371 8.798   1.00 65.55  ? 265 UNK A CA 1 
ATOM   260 C  CA . UNK A 1 260 ? -16.389 -31.160 6.161   1.00 71.71  ? 266 UNK A CA 1 
ATOM   261 C  CA . UNK A 1 261 ? -15.645 -34.189 3.989   1.00 79.28  ? 267 UNK A CA 1 
ATOM   262 C  CA . UNK A 1 262 ? -16.759 -31.943 1.104   1.00 82.80  ? 268 UNK A CA 1 
ATOM   263 C  CA . UNK A 1 263 ? -14.377 -29.472 2.640   1.00 83.72  ? 269 UNK A CA 1 
ATOM   264 C  CA . UNK A 1 264 ? -11.536 -31.608 4.015   1.00 82.26  ? 270 UNK A CA 1 
ATOM   265 C  CA . UNK A 1 265 ? -11.123 -32.514 0.330   1.00 81.54  ? 271 UNK A CA 1 
ATOM   266 C  CA . UNK A 1 266 ? -12.444 -29.304 -1.202  1.00 80.42  ? 272 UNK A CA 1 
ATOM   267 C  CA . UNK A 1 267 ? -10.132 -27.227 0.996   1.00 79.52  ? 273 UNK A CA 1 
ATOM   268 C  CA . UNK A 1 268 ? -7.087  -29.549 0.872   1.00 79.97  ? 274 UNK A CA 1 
ATOM   269 C  CA . UNK A 1 269 ? -7.993  -29.413 -2.785  1.00 82.62  ? 275 UNK A CA 1 
ATOM   270 C  CA . UNK A 1 270 ? -7.005  -25.863 -3.754  1.00 80.65  ? 276 UNK A CA 1 
ATOM   271 C  CA . UNK A 1 271 ? -4.141  -26.410 -1.330  1.00 79.41  ? 277 UNK A CA 1 
ATOM   272 C  CA . UNK A 1 272 ? -2.856  -28.698 -4.062  1.00 81.10  ? 278 UNK A CA 1 
ATOM   273 C  CA . UNK A 1 273 ? -1.647  -25.853 -6.293  1.00 77.40  ? 279 UNK A CA 1 
ATOM   274 C  CA . UNK A 1 274 ? 1.246   -24.937 -3.986  1.00 80.34  ? 280 UNK A CA 1 
ATOM   275 C  CA . UNK A 1 275 ? 4.071   -24.534 -6.546  1.00 81.89  ? 281 UNK A CA 1 
ATOM   276 C  CA . UNK A 1 276 ? 6.504   -26.280 -4.143  1.00 82.03  ? 282 UNK A CA 1 
ATOM   277 C  CA . UNK A 1 277 ? 8.493   -23.465 -2.465  1.00 75.86  ? 283 UNK A CA 1 
ATOM   278 C  CA . UNK A 1 278 ? 9.015   -24.065 1.334   1.00 75.13  ? 284 UNK A CA 1 
ATOM   279 C  CA . UNK A 1 279 ? 7.035   -21.177 2.805   1.00 72.66  ? 285 UNK A CA 1 
ATOM   280 C  CA . UNK A 1 280 ? 4.046   -21.782 0.557   1.00 65.19  ? 286 UNK A CA 1 
ATOM   281 C  CA . UNK A 1 281 ? 3.911   -25.496 0.968   1.00 68.81  ? 287 UNK A CA 1 
ATOM   282 C  CA . UNK A 1 282 ? 3.653   -24.510 4.623   1.00 66.12  ? 288 UNK A CA 1 
ATOM   283 C  CA . UNK A 1 283 ? 0.691   -22.315 3.868   1.00 65.60  ? 289 UNK A CA 1 
ATOM   284 C  CA . UNK A 1 284 ? -0.664  -25.516 2.410   1.00 67.17  ? 290 UNK A CA 1 
ATOM   285 C  CA . UNK A 1 285 ? -0.556  -27.887 5.366   1.00 68.35  ? 291 UNK A CA 1 
ATOM   286 C  CA . UNK A 1 286 ? -1.737  -25.186 7.695   1.00 64.58  ? 292 UNK A CA 1 
ATOM   287 C  CA . UNK A 1 287 ? -4.662  -25.042 5.249   1.00 57.92  ? 293 UNK A CA 1 
ATOM   288 C  CA . UNK A 1 288 ? -7.072  -27.340 7.128   1.00 57.01  ? 294 UNK A CA 1 
ATOM   289 C  CA . UNK A 1 289 ? -9.288  -24.594 8.438   1.00 54.46  ? 295 UNK A CA 1 
ATOM   290 C  CA . UNK A 1 290 ? -7.185  -21.524 9.275   1.00 55.65  ? 296 UNK A CA 1 
ATOM   291 C  CA . UNK A 1 291 ? -4.779  -19.741 6.876   1.00 61.45  ? 297 UNK A CA 1 
ATOM   292 C  CA . UNK A 1 292 ? -1.862  -17.252 7.011   1.00 57.02  ? 298 UNK A CA 1 
ATOM   293 C  CA . UNK A 1 293 ? -2.092  -13.932 5.202   1.00 55.80  ? 299 UNK A CA 1 
ATOM   294 C  CA . UNK A 1 294 ? 1.024   -11.845 5.511   1.00 61.84  ? 300 UNK A CA 1 
ATOM   295 C  CA . UNK A 1 295 ? 3.419   -9.809  3.419   1.00 68.36  ? 301 UNK A CA 1 
ATOM   296 C  CA . UNK A 1 296 ? 4.781   -13.058 2.063   1.00 61.10  ? 302 UNK A CA 1 
ATOM   297 C  CA . UNK A 1 297 ? 3.809   -15.401 -0.699  1.00 62.44  ? 303 UNK A CA 1 
ATOM   298 C  CA . UNK A 1 298 ? 1.137   -12.807 -1.451  1.00 71.09  ? 304 UNK A CA 1 
ATOM   299 C  CA . UNK A 1 299 ? 1.565   -11.954 -5.125  1.00 82.72  ? 305 UNK A CA 1 
ATOM   300 C  CA . UNK A 1 300 ? -1.341  -14.045 -6.323  1.00 90.56  ? 306 UNK A CA 1 
ATOM   301 C  CA . UNK A 1 301 ? -1.044  -17.068 -4.121  1.00 88.73  ? 307 UNK A CA 1 
ATOM   302 C  CA . UNK A 1 302 ? -2.035  -15.296 -0.944  1.00 90.20  ? 308 UNK A CA 1 
ATOM   303 C  CA . UNK A 1 303 ? -3.601  -11.786 -0.987  1.00 93.98  ? 309 UNK A CA 1 
ATOM   304 C  CA . UNK A 1 304 ? -6.434  -13.542 -2.828  1.00 87.53  ? 310 UNK A CA 1 
ATOM   305 C  CA . UNK A 1 305 ? -7.197  -17.259 -2.940  1.00 87.68  ? 311 UNK A CA 1 
ATOM   306 C  CA . UNK A 1 306 ? -5.900  -17.717 0.624   1.00 86.36  ? 312 UNK A CA 1 
ATOM   307 C  CA . UNK A 1 307 ? -8.001  -14.618 0.695   1.00 85.63  ? 313 UNK A CA 1 
ATOM   308 C  CA . UNK A 1 308 ? -10.855 -14.812 -1.734  1.00 80.89  ? 314 UNK A CA 1 
ATOM   309 C  CA . UNK A 1 309 ? -11.444 -18.408 -0.644  1.00 75.43  ? 315 UNK A CA 1 
ATOM   310 C  CA . UNK A 1 310 ? -12.071 -16.981 2.787   1.00 70.79  ? 316 UNK A CA 1 
ATOM   311 C  CA . UNK A 1 311 ? -14.819 -14.555 1.968   1.00 74.93  ? 317 UNK A CA 1 
ATOM   312 C  CA . UNK A 1 312 ? -17.680 -17.045 2.269   1.00 77.91  ? 318 UNK A CA 1 
ATOM   313 C  CA . UNK A 1 313 ? -15.113 -19.705 1.495   1.00 69.54  ? 319 UNK A CA 1 
ATOM   314 C  CA . UNK A 1 314 ? -13.768 -23.024 2.663   1.00 63.10  ? 320 UNK A CA 1 
ATOM   315 C  CA . UNK A 1 315 ? -11.126 -21.264 4.703   1.00 54.88  ? 321 UNK A CA 1 
ATOM   316 C  CA . UNK A 1 316 ? -12.448 -20.633 8.169   1.00 50.26  ? 322 UNK A CA 1 
ATOM   317 C  CA . UNK A 1 317 ? -9.964  -18.704 10.250  1.00 48.33  ? 323 UNK A CA 1 
ATOM   318 C  CA . UNK A 1 318 ? -7.359  -16.321 8.645   1.00 46.41  ? 324 UNK A CA 1 
ATOM   319 C  CA . UNK A 1 319 ? -4.308  -15.333 10.709  1.00 51.96  ? 325 UNK A CA 1 
ATOM   320 C  CA . UNK A 1 320 ? -3.050  -12.185 9.033   1.00 63.15  ? 326 UNK A CA 1 
ATOM   321 C  CA . UNK A 1 321 ? -0.362  -9.700  9.899   1.00 70.61  ? 327 UNK A CA 1 
ATOM   322 C  CA . UNK A 1 322 ? -1.593  -6.232  9.265   1.00 80.29  ? 328 UNK A CA 1 
ATOM   323 C  CA . UNK A 1 323 ? 1.876   -6.050  7.560   1.00 95.24  ? 329 UNK A CA 1 
ATOM   324 C  CA . UNK A 1 324 ? -0.237  -4.707  4.769   1.00 107.90 ? 330 UNK A CA 1 
ATOM   325 C  CA . UNK A 1 325 ? -2.833  -2.432  6.422   1.00 119.45 ? 331 UNK A CA 1 
ATOM   326 C  CA . UNK A 1 326 ? -2.932  -1.459  2.734   1.00 128.21 ? 332 UNK A CA 1 
ATOM   327 C  CA . UNK A 1 327 ? -2.179  -4.950  1.350   1.00 131.87 ? 333 UNK A CA 1 
ATOM   328 C  CA . UNK A 1 328 ? -3.654  -7.421  3.892   1.00 131.26 ? 334 UNK A CA 1 
ATOM   329 C  CA . UNK A 1 329 ? -6.188  -5.198  5.608   1.00 133.55 ? 335 UNK A CA 1 
ATOM   330 C  CA . UNK A 1 330 ? -7.360  -4.645  2.018   1.00 134.99 ? 336 UNK A CA 1 
ATOM   331 C  CA . UNK A 1 331 ? -7.814  -7.714  -0.169  1.00 134.31 ? 337 UNK A CA 1 
ATOM   332 C  CA . UNK A 1 332 ? -9.244  -8.866  3.179   1.00 127.45 ? 338 UNK A CA 1 
ATOM   333 C  CA . UNK A 1 333 ? -12.240 -6.540  3.204   1.00 123.70 ? 339 UNK A CA 1 
ATOM   334 C  CA . UNK A 1 334 ? -14.702 -9.429  3.438   1.00 115.79 ? 340 UNK A CA 1 
ATOM   335 C  CA . UNK A 1 335 ? -15.904 -7.953  6.717   1.00 110.40 ? 341 UNK A CA 1 
ATOM   336 C  CA . UNK A 1 336 ? -16.963 -11.471 7.688   1.00 108.81 ? 342 UNK A CA 1 
ATOM   337 C  CA . UNK A 1 337 ? -15.913 -13.277 10.827  1.00 103.95 ? 343 UNK A CA 1 
ATOM   338 C  CA . UNK A 1 338 ? -17.080 -12.528 14.235  1.00 93.39  ? 344 UNK A CA 1 
ATOM   339 C  CA . UNK A 1 339 ? -14.559 -11.826 16.968  1.00 98.13  ? 345 UNK A CA 1 
ATOM   340 C  CA . UNK A 1 340 ? -11.196 -10.876 15.489  1.00 95.76  ? 346 UNK A CA 1 
ATOM   341 C  CA . UNK A 1 341 ? -9.454  -12.269 18.544  1.00 94.77  ? 347 UNK A CA 1 
ATOM   342 C  CA . UNK A 1 342 ? -6.396  -10.242 17.796  1.00 93.27  ? 348 UNK A CA 1 
ATOM   343 C  CA . UNK A 1 343 ? -3.853  -8.767  20.112  1.00 94.20  ? 349 UNK A CA 1 
ATOM   344 C  CA . UNK A 1 344 ? -0.140  -7.973  20.272  1.00 99.87  ? 350 UNK A CA 1 
ATOM   345 C  CA . UNK A 1 345 ? -0.801  -4.230  20.426  1.00 94.11  ? 351 UNK A CA 1 
ATOM   346 C  CA . UNK A 1 346 ? 1.199   0.100   18.574  1.00 57.39  ? 357 UNK A CA 1 
ATOM   347 C  CA . UNK A 1 347 ? -1.223  2.679   16.972  1.00 55.98  ? 358 UNK A CA 1 
ATOM   348 C  CA . UNK A 1 348 ? -4.924  3.059   17.744  1.00 60.32  ? 359 UNK A CA 1 
ATOM   349 C  CA . UNK A 1 349 ? -6.601  4.454   14.670  1.00 66.64  ? 360 UNK A CA 1 
ATOM   350 C  CA . UNK A 1 350 ? -5.455  1.049   13.499  1.00 70.75  ? 361 UNK A CA 1 
ATOM   351 C  CA . UNK A 1 351 ? -6.304  -1.298  16.353  1.00 65.60  ? 362 UNK A CA 1 
ATOM   352 C  CA . UNK A 1 352 ? -9.804  0.092   16.088  1.00 68.58  ? 363 UNK A CA 1 
ATOM   353 C  CA . UNK A 1 353 ? -9.920  -0.160  12.286  1.00 65.71  ? 364 UNK A CA 1 
ATOM   354 C  CA . UNK A 1 354 ? -8.868  -3.769  12.941  1.00 58.52  ? 365 UNK A CA 1 
ATOM   355 C  CA . UNK A 1 355 ? -11.689 -4.159  15.421  1.00 57.63  ? 366 UNK A CA 1 
ATOM   356 C  CA . UNK A 1 356 ? -13.950 -2.471  12.913  1.00 66.51  ? 367 UNK A CA 1 
ATOM   357 C  CA . UNK A 1 357 ? -15.664 -5.013  10.685  1.00 78.74  ? 368 UNK A CA 1 
ATOM   358 C  CA . UNK A 1 358 ? -17.137 -8.153  12.330  1.00 84.59  ? 369 UNK A CA 1 
ATOM   359 C  CA . UNK A 1 359 ? -20.109 -10.225 11.160  1.00 86.19  ? 370 UNK A CA 1 
ATOM   360 C  CA . UNK A 1 360 ? -21.106 -8.886  7.746   1.00 90.87  ? 371 UNK A CA 1 
ATOM   361 C  CA . UNK A 1 361 ? -24.761 -8.259  7.065   1.00 92.99  ? 372 UNK A CA 1 
ATOM   362 C  CA . UNK A 1 362 ? -24.915 -12.022 6.343   1.00 95.00  ? 373 UNK A CA 1 
ATOM   363 C  CA . UNK A 1 363 ? -27.343 -12.361 9.234   1.00 99.04  ? 374 UNK A CA 1 
ATOM   364 C  CA . UNK A 1 364 ? -24.585 -12.200 11.775  1.00 93.78  ? 375 UNK A CA 1 
ATOM   365 C  CA . UNK A 1 365 ? -24.857 -10.027 14.874  1.00 90.92  ? 376 UNK A CA 1 
ATOM   366 C  CA . UNK A 1 366 ? -22.513 -9.106  17.724  1.00 88.50  ? 377 UNK A CA 1 
ATOM   367 C  CA . UNK A 1 367 ? -19.182 -8.284  16.028  1.00 79.11  ? 378 UNK A CA 1 
ATOM   368 C  CA . UNK A 1 368 ? -16.939 -9.342  18.903  1.00 75.48  ? 379 UNK A CA 1 
ATOM   369 C  CA . UNK A 1 369 ? -13.662 -7.397  18.774  1.00 71.78  ? 380 UNK A CA 1 
ATOM   370 C  CA . UNK A 1 370 ? -11.311 -8.883  21.452  1.00 68.53  ? 381 UNK A CA 1 
ATOM   371 C  CA . UNK A 1 371 ? -7.874  -7.753  22.599  1.00 70.08  ? 382 UNK A CA 1 
ATOM   372 C  CA . UNK A 1 372 ? -5.808  -10.464 24.319  1.00 76.75  ? 383 UNK A CA 1 
ATOM   373 C  CA . UNK A 1 373 ? -4.154  -8.522  27.130  1.00 80.27  ? 384 UNK A CA 1 
ATOM   374 C  CA . UNK A 1 374 ? -0.497  -9.439  27.566  1.00 86.32  ? 385 UNK A CA 1 
ATOM   375 C  CA . UNK A 1 375 ? 0.454   -8.145  30.999  1.00 90.02  ? 386 UNK A CA 1 
ATOM   376 C  CA . UNK A 1 376 ? -1.036  -4.630  30.956  1.00 92.54  ? 387 UNK A CA 1 
ATOM   377 C  CA . UNK A 1 377 ? -3.924  -4.695  33.460  1.00 93.15  ? 388 UNK A CA 1 
ATOM   378 C  CA . UNK A 1 378 ? -6.969  -6.016  31.492  1.00 90.47  ? 389 UNK A CA 1 
ATOM   379 C  CA . UNK A 1 379 ? -8.880  -2.784  32.005  1.00 83.02  ? 390 UNK A CA 1 
ATOM   380 C  CA . UNK A 1 380 ? -6.394  -0.059  31.244  1.00 81.87  ? 391 UNK A CA 1 
ATOM   381 C  CA . UNK A 1 381 ? -6.713  -1.215  27.663  1.00 83.68  ? 392 UNK A CA 1 
ATOM   382 C  CA . UNK A 1 382 ? -10.286 0.093   27.657  1.00 89.24  ? 393 UNK A CA 1 
ATOM   383 C  CA . UNK A 1 383 ? -9.056  3.654   28.265  1.00 100.36 ? 394 UNK A CA 1 
ATOM   384 C  CA . UNK A 1 384 ? -7.023  3.186   25.084  1.00 102.99 ? 395 UNK A CA 1 
ATOM   385 C  CA . UNK A 1 385 ? -8.660  1.449   22.123  1.00 107.08 ? 396 UNK A CA 1 
ATOM   386 C  CA . UNK A 1 386 ? -12.270 0.765   23.129  1.00 109.24 ? 397 UNK A CA 1 
ATOM   387 C  CA . UNK A 1 387 ? -14.112 3.967   24.187  1.00 113.75 ? 398 UNK A CA 1 
ATOM   388 C  CA . UNK A 1 388 ? -11.342 6.560   24.310  1.00 112.96 ? 399 UNK A CA 1 
ATOM   389 C  CA . UNK A 1 389 ? -11.920 9.262   21.675  1.00 111.42 ? 400 UNK A CA 1 
ATOM   390 C  CA . UNK A 1 390 ? -10.840 9.179   17.971  1.00 107.10 ? 401 UNK A CA 1 
ATOM   391 C  CA . UNK A 1 391 ? -7.343  10.430  17.110  1.00 101.91 ? 402 UNK A CA 1 
ATOM   392 C  CA . UNK A 1 392 ? -6.326  14.057  16.512  1.00 94.59  ? 403 UNK A CA 1 
ATOM   393 C  CA . UNK A 1 393 ? -5.020  13.611  12.998  1.00 89.72  ? 404 UNK A CA 1 
ATOM   394 C  CA . UNK A 1 394 ? -1.845  15.749  13.168  1.00 90.25  ? 405 UNK A CA 1 
ATOM   395 C  CA . UNK A 1 395 ? -1.314  16.988  9.591   1.00 86.51  ? 406 UNK A CA 1 
ATOM   396 C  CA . UNK A 1 396 ? 1.833   15.043  10.323  1.00 78.75  ? 407 UNK A CA 1 
ATOM   397 C  CA . UNK A 1 397 ? 3.820   14.025  7.292   1.00 77.17  ? 408 UNK A CA 1 
ATOM   398 C  CA . UNK A 1 398 ? 4.788   17.307  5.802   1.00 65.67  ? 409 UNK A CA 1 
ATOM   399 C  CA . UNK A 1 399 ? 8.184   16.651  7.275   1.00 61.06  ? 410 UNK A CA 1 
ATOM   400 C  CA . UNK A 1 400 ? 11.319  15.328  5.521   1.00 63.13  ? 411 UNK A CA 1 
ATOM   401 C  CA . UNK A 1 401 ? 12.013  12.362  3.292   1.00 59.17  ? 412 UNK A CA 1 
ATOM   402 C  CA . UNK A 1 402 ? 8.833   12.890  1.294   1.00 56.54  ? 413 UNK A CA 1 
ATOM   403 C  CA . UNK A 1 403 ? 9.230   16.658  1.470   1.00 58.93  ? 414 UNK A CA 1 
ATOM   404 C  CA . UNK A 1 404 ? 12.820  16.666  0.371   1.00 65.16  ? 415 UNK A CA 1 
ATOM   405 C  CA . UNK A 1 405 ? 11.570  15.137  -2.856  1.00 70.30  ? 416 UNK A CA 1 
ATOM   406 C  CA . UNK A 1 406 ? 8.127   16.649  -3.213  1.00 69.74  ? 417 UNK A CA 1 
ATOM   407 C  CA . UNK A 1 407 ? 9.485   20.188  -3.313  1.00 66.84  ? 418 UNK A CA 1 
ATOM   408 C  CA . UNK A 1 408 ? 12.350  19.424  -5.668  1.00 64.77  ? 419 UNK A CA 1 
ATOM   409 C  CA . UNK A 1 409 ? 9.429   18.828  -7.932  1.00 64.02  ? 420 UNK A CA 1 
ATOM   410 C  CA . UNK A 1 410 ? 7.566   22.022  -7.205  1.00 64.21  ? 421 UNK A CA 1 
ATOM   411 C  CA . UNK A 1 411 ? 10.641  23.371  -8.970  1.00 64.45  ? 422 UNK A CA 1 
ATOM   412 C  CA . UNK A 1 412 ? 11.200  20.954  -11.857 1.00 69.48  ? 423 UNK A CA 1 
ATOM   413 C  CA . UNK A 1 413 ? 7.780   19.453  -12.625 1.00 77.53  ? 424 UNK A CA 1 
ATOM   414 C  CA . UNK A 1 414 ? 5.147   21.840  -11.260 1.00 79.80  ? 425 UNK A CA 1 
ATOM   415 C  CA . UNK A 1 415 ? 6.906   24.956  -12.469 1.00 78.25  ? 426 UNK A CA 1 
ATOM   416 C  CA . UNK A 1 416 ? 7.449   28.015  -10.253 1.00 74.04  ? 427 UNK A CA 1 
ATOM   417 C  CA . UNK A 1 417 ? 10.760  29.409  -8.967  1.00 68.14  ? 428 UNK A CA 1 
ATOM   418 C  CA . UNK A 1 418 ? 10.802  32.008  -6.241  1.00 64.19  ? 429 UNK A CA 1 
ATOM   419 C  CA . UNK A 1 419 ? 11.529  30.795  -2.734  1.00 63.78  ? 430 UNK A CA 1 
ATOM   420 C  CA . UNK A 1 420 ? 8.387   32.845  -2.078  1.00 64.96  ? 431 UNK A CA 1 
ATOM   421 C  CA . UNK A 1 421 ? 6.042   31.049  -4.513  1.00 62.67  ? 432 UNK A CA 1 
ATOM   422 C  CA . UNK A 1 422 ? 6.529   27.939  -2.455  1.00 58.67  ? 433 UNK A CA 1 
ATOM   423 C  CA . UNK A 1 423 ? 6.089   29.755  0.846   1.00 66.43  ? 434 UNK A CA 1 
ATOM   424 C  CA . UNK A 1 424 ? 2.822   31.002  -0.511  1.00 71.61  ? 435 UNK A CA 1 
ATOM   425 C  CA . UNK A 1 425 ? 1.401   27.608  -1.409  1.00 69.51  ? 436 UNK A CA 1 
ATOM   426 C  CA . UNK A 1 426 ? 2.795   26.188  1.818   1.00 75.14  ? 437 UNK A CA 1 
ATOM   427 C  CA . UNK A 1 427 ? 0.340   28.217  3.878   1.00 79.24  ? 438 UNK A CA 1 
ATOM   428 C  CA . UNK A 1 428 ? -2.553  26.202  2.397   1.00 83.50  ? 439 UNK A CA 1 
ATOM   429 C  CA . UNK A 1 429 ? -1.120  22.846  3.332   1.00 85.35  ? 440 UNK A CA 1 
ATOM   430 C  CA . UNK A 1 430 ? -3.067  21.428  6.217   1.00 87.44  ? 441 UNK A CA 1 
ATOM   431 C  CA . UNK A 1 431 ? -1.135  23.570  8.550   1.00 87.90  ? 442 UNK A CA 1 
ATOM   432 C  CA . UNK A 1 432 ? -4.249  25.668  8.523   1.00 94.85  ? 443 UNK A CA 1 
ATOM   433 C  CA . UNK A 1 433 ? -4.436  24.269  12.044  1.00 105.81 ? 444 UNK A CA 1 
ATOM   434 C  CA . UNK A 1 434 ? -1.788  25.193  14.634  1.00 114.01 ? 445 UNK A CA 1 
ATOM   435 C  CA . UNK A 1 435 ? 0.790   24.764  11.853  1.00 114.31 ? 446 UNK A CA 1 
ATOM   436 C  CA . UNK A 1 436 ? 3.848   23.341  13.597  1.00 117.20 ? 447 UNK A CA 1 
ATOM   437 C  CA . UNK A 1 437 ? 6.113   26.389  13.790  1.00 117.78 ? 448 UNK A CA 1 
ATOM   438 C  CA . UNK A 1 438 ? 6.142   27.593  10.213  1.00 116.27 ? 449 UNK A CA 1 
ATOM   439 C  CA . UNK A 1 439 ? 9.111   29.564  11.621  1.00 115.31 ? 450 UNK A CA 1 
ATOM   440 C  CA . UNK A 1 440 ? 11.927  27.349  12.875  1.00 112.82 ? 451 UNK A CA 1 
ATOM   441 C  CA . UNK A 1 441 ? 11.267  23.820  11.509  1.00 104.58 ? 452 UNK A CA 1 
ATOM   442 C  CA . UNK A 1 442 ? 9.411   23.759  8.171   1.00 96.39  ? 453 UNK A CA 1 
ATOM   443 C  CA . UNK A 1 443 ? 11.492  26.670  6.896   1.00 89.01  ? 454 UNK A CA 1 
ATOM   444 C  CA . UNK A 1 444 ? 14.750  25.572  8.520   1.00 78.65  ? 455 UNK A CA 1 
ATOM   445 C  CA . UNK A 1 445 ? 14.218  22.269  6.712   1.00 68.33  ? 456 UNK A CA 1 
ATOM   446 C  CA . UNK A 1 446 ? 13.029  23.319  3.239   1.00 57.84  ? 457 UNK A CA 1 
ATOM   447 C  CA . UNK A 1 447 ? 16.233  25.259  3.661   1.00 56.45  ? 458 UNK A CA 1 
ATOM   448 C  CA . UNK A 1 448 ? 18.358  22.190  4.097   1.00 52.74  ? 459 UNK A CA 1 
ATOM   449 C  CA . UNK A 1 449 ? 16.039  20.400  1.692   1.00 44.95  ? 460 UNK A CA 1 
ATOM   450 C  CA . UNK A 1 450 ? 16.911  23.228  -0.692  1.00 40.75  ? 461 UNK A CA 1 
ATOM   451 C  CA . UNK A 1 451 ? 20.459  23.574  0.462   1.00 47.92  ? 462 UNK A CA 1 
ATOM   452 C  CA . UNK A 1 452 ? 20.656  19.907  -0.422  1.00 51.37  ? 463 UNK A CA 1 
ATOM   453 C  CA . UNK A 1 453 ? 18.627  19.777  -3.575  1.00 54.71  ? 464 UNK A CA 1 
ATOM   454 C  CA . UNK A 1 454 ? 21.208  22.437  -3.957  1.00 57.93  ? 465 UNK A CA 1 
ATOM   455 C  CA . UNK A 1 455 ? 24.916  21.732  -3.515  1.00 58.35  ? 466 UNK A CA 1 
ATOM   456 C  CA . UNK A 1 456 ? 23.948  18.740  -5.576  1.00 50.67  ? 467 UNK A CA 1 
ATOM   457 C  CA . UNK A 1 457 ? 23.375  20.187  -9.001  1.00 52.40  ? 468 UNK A CA 1 
ATOM   458 C  CA . UNK A 1 458 ? 19.659  19.482  -8.858  1.00 45.55  ? 469 UNK A CA 1 
ATOM   459 C  CA . UNK A 1 459 ? 19.065  23.248  -9.448  1.00 45.92  ? 470 UNK A CA 1 
ATOM   460 C  CA . UNK A 1 460 ? 20.562  26.859  -9.449  1.00 48.08  ? 471 UNK A CA 1 
ATOM   461 C  CA . UNK A 1 461 ? 20.060  30.445  -7.992  1.00 53.23  ? 472 UNK A CA 1 
ATOM   462 C  CA . UNK A 1 462 ? 21.988  33.907  -7.998  1.00 59.90  ? 473 UNK A CA 1 
ATOM   463 C  CA . UNK A 1 463 ? 19.664  36.878  -7.463  1.00 65.48  ? 474 UNK A CA 1 
ATOM   464 C  CA . UNK A 1 464 ? 17.010  34.685  -5.796  1.00 67.81  ? 475 UNK A CA 1 
ATOM   465 C  CA . UNK A 1 465 ? 15.850  32.903  -8.933  1.00 64.12  ? 476 UNK A CA 1 
ATOM   466 C  CA . UNK A 1 466 ? 15.461  29.114  -8.462  1.00 56.81  ? 477 UNK A CA 1 
ATOM   467 C  CA . UNK A 1 467 ? 15.441  27.312  -11.803 1.00 57.89  ? 478 UNK A CA 1 
ATOM   468 C  CA . UNK A 1 468 ? 15.139  23.573  -12.609 1.00 55.03  ? 479 UNK A CA 1 
ATOM   469 C  CA . UNK A 1 469 ? 18.309  21.799  -14.055 1.00 49.81  ? 480 UNK A CA 1 
ATOM   470 C  CA . UNK A 1 470 ? 18.969  18.683  -16.250 1.00 50.44  ? 481 UNK A CA 1 
ATOM   471 C  CA . UNK A 1 471 ? 19.384  16.066  -13.507 1.00 47.36  ? 482 UNK A CA 1 
ATOM   472 C  CA . UNK A 1 472 ? 16.994  17.729  -11.103 1.00 49.34  ? 483 UNK A CA 1 
ATOM   473 C  CA . UNK A 1 473 ? 14.579  17.508  -14.030 1.00 57.69  ? 484 UNK A CA 1 
ATOM   474 C  CA . UNK A 1 474 ? 14.983  13.897  -15.283 1.00 63.86  ? 485 UNK A CA 1 
ATOM   475 C  CA . UNK A 1 475 ? 14.520  12.861  -11.695 1.00 62.79  ? 486 UNK A CA 1 
ATOM   476 C  CA . UNK A 1 476 ? 11.370  14.497  -10.331 1.00 66.35  ? 487 UNK A CA 1 
ATOM   477 C  CA . UNK A 1 477 ? 9.844   12.389  -13.127 1.00 65.00  ? 488 UNK A CA 1 
ATOM   478 C  CA . UNK A 1 478 ? 11.638  9.156   -12.233 1.00 58.55  ? 489 UNK A CA 1 
ATOM   479 C  CA . UNK A 1 479 ? 9.913   9.866   -8.921  1.00 54.69  ? 490 UNK A CA 1 
ATOM   480 C  CA . UNK A 1 480 ? 13.003  8.572   -7.075  1.00 44.09  ? 491 UNK A CA 1 
ATOM   481 C  CA . UNK A 1 481 ? 13.700  10.399  -3.788  1.00 40.37  ? 492 UNK A CA 1 
ATOM   482 C  CA . UNK A 1 482 ? 16.533  12.494  -5.101  1.00 38.09  ? 493 UNK A CA 1 
ATOM   483 C  CA . UNK A 1 483 ? 18.536  11.082  -2.208  1.00 33.07  ? 494 UNK A CA 1 
ATOM   484 C  CA . UNK A 1 484 ? 18.505  8.077   -4.635  1.00 27.71  ? 495 UNK A CA 1 
ATOM   485 C  CA . UNK A 1 485 ? 19.257  9.742   -7.918  1.00 23.11  ? 496 UNK A CA 1 
ATOM   486 C  CA . UNK A 1 486 ? 21.773  11.392  -5.633  1.00 29.44  ? 497 UNK A CA 1 
ATOM   487 C  CA . UNK A 1 487 ? 23.628  8.216   -4.703  1.00 35.48  ? 498 UNK A CA 1 
ATOM   488 C  CA . UNK A 1 488 ? 23.268  7.077   -8.327  1.00 41.91  ? 499 UNK A CA 1 
ATOM   489 C  CA . UNK A 1 489 ? 25.367  9.972   -9.575  1.00 47.93  ? 500 UNK A CA 1 
ATOM   490 C  CA . UNK A 1 490 ? 27.875  9.403   -6.812  1.00 52.41  ? 501 UNK A CA 1 
ATOM   491 C  CA . UNK A 1 491 ? 28.306  5.818   -7.973  1.00 54.36  ? 502 UNK A CA 1 
ATOM   492 C  CA . UNK A 1 492 ? 27.424  6.348   -11.645 1.00 62.19  ? 503 UNK A CA 1 
ATOM   493 C  CA . UNK A 1 493 ? 30.916  7.529   -12.481 1.00 65.87  ? 504 UNK A CA 1 
ATOM   494 C  CA . UNK A 1 494 ? 32.068  4.556   -10.410 1.00 67.40  ? 505 UNK A CA 1 
ATOM   495 C  CA . UNK A 1 495 ? 30.344  1.826   -12.369 1.00 65.23  ? 506 UNK A CA 1 
ATOM   496 C  CA . UNK A 1 496 ? 31.947  3.210   -15.527 1.00 75.48  ? 507 UNK A CA 1 
ATOM   497 C  CA . UNK A 1 497 ? 34.696  0.721   -14.824 1.00 82.75  ? 508 UNK A CA 1 
ATOM   498 C  CA . UNK A 1 498 ? 33.739  -2.593  -13.173 1.00 85.43  ? 509 UNK A CA 1 
ATOM   499 C  CA . UNK A 1 499 ? 30.068  -2.389  -14.174 1.00 80.58  ? 510 UNK A CA 1 
ATOM   500 C  CA . UNK A 1 500 ? 29.064  -5.409  -12.160 1.00 75.39  ? 511 UNK A CA 1 
ATOM   501 C  CA . UNK A 1 501 ? 25.658  -7.153  -11.845 1.00 66.46  ? 512 UNK A CA 1 
ATOM   502 C  CA . UNK A 1 502 ? 25.827  -8.007  -8.161  1.00 58.36  ? 513 UNK A CA 1 
ATOM   503 C  CA . UNK A 1 503 ? 27.724  -4.756  -7.682  1.00 52.72  ? 514 UNK A CA 1 
ATOM   504 C  CA . UNK A 1 504 ? 25.142  -2.390  -9.107  1.00 49.92  ? 515 UNK A CA 1 
ATOM   505 C  CA . UNK A 1 505 ? 22.208  -4.488  -7.878  1.00 43.99  ? 516 UNK A CA 1 
ATOM   506 C  CA . UNK A 1 506 ? 23.682  -4.009  -4.448  1.00 44.39  ? 517 UNK A CA 1 
ATOM   507 C  CA . UNK A 1 507 ? 24.135  -0.308  -5.022  1.00 43.19  ? 518 UNK A CA 1 
ATOM   508 C  CA . UNK A 1 508 ? 20.587  -0.016  -6.320  1.00 40.07  ? 519 UNK A CA 1 
ATOM   509 C  CA . UNK A 1 509 ? 19.569  -2.273  -3.462  1.00 38.91  ? 520 UNK A CA 1 
ATOM   510 C  CA . UNK A 1 510 ? 20.685  0.596   -1.275  1.00 41.49  ? 521 UNK A CA 1 
ATOM   511 C  CA . UNK A 1 511 ? 18.638  3.557   -2.420  1.00 43.77  ? 522 UNK A CA 1 
ATOM   512 C  CA . UNK A 1 512 ? 15.759  4.609   -0.191  1.00 47.22  ? 523 UNK A CA 1 
ATOM   513 C  CA . UNK A 1 513 ? 13.200  3.374   -2.748  1.00 51.31  ? 524 UNK A CA 1 
ATOM   514 C  CA . UNK A 1 514 ? 14.039  -0.255  -2.227  1.00 49.70  ? 525 UNK A CA 1 
ATOM   515 C  CA . UNK A 1 515 ? 13.649  -1.566  1.294   1.00 54.41  ? 526 UNK A CA 1 
ATOM   516 C  CA . UNK A 1 516 ? 16.287  -4.391  1.778   1.00 59.25  ? 527 UNK A CA 1 
ATOM   517 C  CA . UNK A 1 517 ? 15.428  -8.010  2.593   1.00 59.48  ? 528 UNK A CA 1 
ATOM   518 C  CA . UNK A 1 518 ? 15.924  -8.205  6.337   1.00 60.06  ? 529 UNK A CA 1 
ATOM   519 C  CA . UNK A 1 519 ? 17.946  -11.141 7.492   1.00 62.55  ? 530 UNK A CA 1 
ATOM   520 C  CA . UNK A 1 520 ? 17.366  -13.384 10.527  1.00 70.77  ? 531 UNK A CA 1 
ATOM   521 C  CA . UNK A 1 521 ? 19.787  -13.704 13.467  1.00 72.60  ? 532 UNK A CA 1 
ATOM   522 C  CA . UNK A 1 522 ? 22.981  -15.812 13.203  1.00 73.69  ? 533 UNK A CA 1 
ATOM   523 C  CA . UNK A 1 523 ? 22.787  -16.636 9.487   1.00 72.18  ? 534 UNK A CA 1 
ATOM   524 C  CA . UNK A 1 524 ? 25.053  -13.690 8.895   1.00 70.27  ? 535 UNK A CA 1 
ATOM   525 C  CA . UNK A 1 525 ? 28.312  -15.569 9.530   1.00 66.97  ? 536 UNK A CA 1 
ATOM   526 C  CA . UNK A 1 526 ? 27.611  -17.014 6.051   1.00 62.18  ? 537 UNK A CA 1 
ATOM   527 C  CA . UNK A 1 527 ? 26.632  -13.666 4.539   1.00 61.89  ? 538 UNK A CA 1 
ATOM   528 C  CA . UNK A 1 528 ? 29.512  -12.079 6.466   1.00 63.15  ? 539 UNK A CA 1 
ATOM   529 C  CA . UNK A 1 529 ? 31.720  -14.339 4.361   1.00 60.29  ? 540 UNK A CA 1 
ATOM   530 C  CA . UNK A 1 530 ? 29.679  -13.850 1.250   1.00 61.52  ? 541 UNK A CA 1 
ATOM   531 C  CA . UNK A 1 531 ? 30.844  -10.262 1.480   1.00 60.87  ? 542 UNK A CA 1 
ATOM   532 C  CA . UNK A 1 532 ? 34.461  -11.002 2.493   1.00 61.90  ? 543 UNK A CA 1 
ATOM   533 C  CA . UNK A 1 533 ? 34.185  -13.233 -0.548  1.00 72.46  ? 544 UNK A CA 1 
ATOM   534 C  CA . UNK A 1 534 ? 32.686  -11.143 -3.402  1.00 79.37  ? 545 UNK A CA 1 
ATOM   535 C  CA . UNK A 1 535 ? 33.602  -7.670  -2.167  1.00 84.66  ? 546 UNK A CA 1 
ATOM   536 C  CA . UNK A 1 536 ? 36.227  -7.773  -4.897  1.00 93.63  ? 547 UNK A CA 1 
ATOM   537 C  CA . UNK A 1 537 ? 33.293  -7.210  -7.280  1.00 97.06  ? 548 UNK A CA 1 
ATOM   538 C  CA . UNK A 1 538 ? 33.723  -3.832  -5.544  1.00 98.79  ? 549 UNK A CA 1 
ATOM   539 C  CA . UNK A 1 539 ? 29.918  -3.586  -5.341  1.00 95.07  ? 550 UNK A CA 1 
ATOM   540 C  CA . UNK A 1 540 ? 31.109  -0.193  -6.460  1.00 87.21  ? 551 UNK A CA 1 
ATOM   541 C  CA . UNK A 1 541 ? 31.258  0.555   -2.662  1.00 90.93  ? 552 UNK A CA 1 
ATOM   542 C  CA . UNK A 1 542 ? 33.263  -0.545  0.475   1.00 96.76  ? 553 UNK A CA 1 
ATOM   543 C  CA . UNK A 1 543 ? 32.061  -1.117  4.081   1.00 96.83  ? 554 UNK A CA 1 
ATOM   544 C  CA . UNK A 1 544 ? 32.850  0.298   7.610   1.00 99.08  ? 555 UNK A CA 1 
ATOM   545 C  CA . UNK A 1 545 ? 30.096  2.103   9.657   1.00 87.51  ? 556 UNK A CA 1 
ATOM   546 C  CA . UNK A 1 546 ? 27.726  -0.736  10.717  1.00 79.65  ? 557 UNK A CA 1 
ATOM   547 C  CA . UNK A 1 547 ? 25.583  -3.573  9.253   1.00 72.20  ? 558 UNK A CA 1 
ATOM   548 C  CA . UNK A 1 548 ? 22.323  -2.365  7.685   1.00 63.65  ? 559 UNK A CA 1 
ATOM   549 C  CA . UNK A 1 549 ? 24.752  -2.746  4.862   1.00 59.26  ? 560 UNK A CA 1 
ATOM   550 C  CA . UNK A 1 550 ? 24.208  -6.474  4.701   1.00 53.84  ? 561 UNK A CA 1 
ATOM   551 C  CA . UNK A 1 551 ? 20.425  -6.099  4.321   1.00 55.25  ? 562 UNK A CA 1 
ATOM   552 C  CA . UNK A 1 552 ? 21.314  -4.732  0.880   1.00 56.49  ? 563 UNK A CA 1 
ATOM   553 C  CA . UNK A 1 553 ? 24.082  -7.192  0.131   1.00 56.01  ? 564 UNK A CA 1 
ATOM   554 C  CA . UNK A 1 554 ? 21.661  -10.033 0.813   1.00 50.01  ? 565 UNK A CA 1 
ATOM   555 C  CA . UNK A 1 555 ? 18.845  -8.354  -1.120  1.00 51.16  ? 566 UNK A CA 1 
ATOM   556 C  CA . UNK A 1 556 ? 21.505  -8.255  -3.897  1.00 50.44  ? 567 UNK A CA 1 
ATOM   557 C  CA . UNK A 1 557 ? 22.176  -11.978 -4.123  1.00 51.68  ? 568 UNK A CA 1 
ATOM   558 C  CA . UNK A 1 558 ? 18.437  -12.500 -4.269  1.00 52.44  ? 569 UNK A CA 1 
ATOM   559 C  CA . UNK A 1 559 ? 18.861  -10.736 -7.563  1.00 61.13  ? 570 UNK A CA 1 
ATOM   560 C  CA . UNK A 1 560 ? 22.354  -11.742 -8.902  1.00 66.29  ? 571 UNK A CA 1 
ATOM   561 C  CA . UNK A 1 561 ? 20.526  -14.988 -8.952  1.00 65.46  ? 572 UNK A CA 1 
ATOM   562 C  CA . UNK A 1 562 ? 16.996  -14.149 -10.228 1.00 62.03  ? 573 UNK A CA 1 
ATOM   563 C  CA . UNK A 1 563 ? 18.994  -12.241 -12.816 1.00 62.61  ? 574 UNK A CA 1 
ATOM   564 C  CA . UNK A 1 564 ? 20.606  -15.710 -13.314 1.00 63.63  ? 575 UNK A CA 1 
ATOM   565 C  CA . UNK A 1 565 ? 17.596  -18.086 -13.948 1.00 66.43  ? 576 UNK A CA 1 
ATOM   566 C  CA . UNK A 1 566 ? 17.667  -19.135 -10.312 1.00 68.25  ? 577 UNK A CA 1 
ATOM   567 C  CA . UNK A 1 567 ? 14.438  -21.056 -9.901  1.00 67.83  ? 578 UNK A CA 1 
ATOM   568 C  CA . UNK A 1 568 ? 11.503  -20.071 -7.211  1.00 44.49  ? 581 UNK A CA 1 
ATOM   569 C  CA . UNK A 1 569 ? 14.548  -21.797 -5.695  1.00 55.98  ? 582 UNK A CA 1 
ATOM   570 C  CA . UNK A 1 570 ? 16.142  -18.804 -3.981  1.00 59.89  ? 583 UNK A CA 1 
ATOM   571 C  CA . UNK A 1 571 ? 13.288  -18.925 -1.518  1.00 64.34  ? 584 UNK A CA 1 
ATOM   572 C  CA . UNK A 1 572 ? 15.088  -22.115 -0.496  1.00 67.14  ? 585 UNK A CA 1 
ATOM   573 C  CA . UNK A 1 573 ? 18.462  -20.719 0.410   1.00 62.07  ? 586 UNK A CA 1 
ATOM   574 C  CA . UNK A 1 574 ? 18.195  -17.041 1.069   1.00 62.64  ? 587 UNK A CA 1 
ATOM   575 C  CA . UNK A 1 575 ? 15.259  -17.257 3.507   1.00 68.11  ? 588 UNK A CA 1 
ATOM   576 C  CA . UNK A 1 576 ? 12.765  -15.176 1.505   1.00 69.15  ? 589 UNK A CA 1 
ATOM   577 C  CA . UNK A 1 577 ? 9.063   -15.908 1.058   1.00 72.63  ? 590 UNK A CA 1 
ATOM   578 C  CA . UNK A 1 578 ? 7.850   -15.074 -2.492  1.00 74.07  ? 591 UNK A CA 1 
ATOM   579 C  CA . UNK A 1 579 ? 5.958   -12.054 -1.212  1.00 74.50  ? 592 UNK A CA 1 
ATOM   580 C  CA . UNK A 1 580 ? 9.347   -10.502 -0.494  1.00 70.53  ? 593 UNK A CA 1 
ATOM   581 C  CA . UNK A 1 581 ? 10.949  -11.648 -3.725  1.00 62.54  ? 594 UNK A CA 1 
ATOM   582 C  CA . UNK A 1 582 ? 8.912   -10.973 -6.864  1.00 61.79  ? 595 UNK A CA 1 
ATOM   583 C  CA . UNK A 1 583 ? 8.544   -7.534  -5.259  1.00 59.91  ? 596 UNK A CA 1 
ATOM   584 C  CA . UNK A 1 584 ? 12.142  -6.717  -4.637  1.00 55.94  ? 597 UNK A CA 1 
ATOM   585 C  CA . UNK A 1 585 ? 12.276  -7.575  -8.319  1.00 55.18  ? 598 UNK A CA 1 
ATOM   586 C  CA . UNK A 1 586 ? 9.388   -5.340  -9.366  1.00 58.34  ? 599 UNK A CA 1 
ATOM   587 C  CA . UNK A 1 587 ? 10.691  -2.244  -7.662  1.00 53.87  ? 600 UNK A CA 1 
ATOM   588 C  CA . UNK A 1 588 ? 14.345  -3.234  -8.205  1.00 51.34  ? 601 UNK A CA 1 
ATOM   589 C  CA . UNK A 1 589 ? 13.553  -3.238  -11.905 1.00 55.22  ? 602 UNK A CA 1 
ATOM   590 C  CA . UNK A 1 590 ? 12.196  0.265   -11.758 1.00 58.61  ? 603 UNK A CA 1 
ATOM   591 C  CA . UNK A 1 591 ? 15.431  1.543   -10.134 1.00 60.13  ? 604 UNK A CA 1 
ATOM   592 C  CA . UNK A 1 592 ? 17.900  -0.387  -12.240 1.00 60.05  ? 605 UNK A CA 1 
ATOM   593 C  CA . UNK A 1 593 ? 15.983  1.568   -14.843 1.00 62.47  ? 606 UNK A CA 1 
ATOM   594 C  CA . UNK A 1 594 ? 15.785  4.947   -13.133 1.00 60.68  ? 607 UNK A CA 1 
ATOM   595 C  CA . UNK A 1 595 ? 19.512  4.404   -13.190 1.00 57.11  ? 608 UNK A CA 1 
ATOM   596 C  CA . UNK A 1 596 ? 19.996  3.617   -16.863 1.00 59.66  ? 609 UNK A CA 1 
ATOM   597 C  CA . UNK A 1 597 ? 17.808  6.672   -17.295 1.00 58.88  ? 610 UNK A CA 1 
ATOM   598 C  CA . UNK A 1 598 ? 19.521  8.903   -14.761 1.00 58.06  ? 611 UNK A CA 1 
ATOM   599 C  CA . UNK A 1 599 ? 22.807  7.640   -16.157 1.00 62.11  ? 612 UNK A CA 1 
ATOM   600 C  CA . UNK A 1 600 ? 21.754  8.707   -19.637 1.00 65.62  ? 613 UNK A CA 1 
ATOM   601 C  CA . UNK A 1 601 ? 21.335  12.222  -18.184 1.00 68.80  ? 614 UNK A CA 1 
ATOM   602 C  CA . UNK A 1 602 ? 24.812  13.642  -18.739 1.00 79.29  ? 615 UNK A CA 1 
ATOM   603 C  CA . UNK A 1 603 ? 26.481  11.490  -21.421 1.00 84.03  ? 616 UNK A CA 1 
ATOM   604 C  CA . UNK A 1 604 ? 27.659  7.894   -21.103 1.00 86.04  ? 617 UNK A CA 1 
ATOM   605 C  CA . UNK A 1 605 ? 28.031  7.088   -24.801 1.00 86.48  ? 618 UNK A CA 1 
ATOM   606 C  CA . UNK A 1 606 ? 25.918  3.963   -24.731 1.00 85.73  ? 619 UNK A CA 1 
ATOM   607 C  CA . UNK A 1 607 ? 27.675  1.047   -23.077 1.00 82.86  ? 620 UNK A CA 1 
ATOM   608 C  CA . UNK A 1 608 ? 27.038  2.417   -19.586 1.00 76.28  ? 621 UNK A CA 1 
ATOM   609 C  CA . UNK A 1 609 ? 23.559  3.367   -20.901 1.00 68.26  ? 622 UNK A CA 1 
ATOM   610 C  CA . UNK A 1 610 ? 23.506  0.067   -22.761 1.00 64.96  ? 623 UNK A CA 1 
ATOM   611 C  CA . UNK A 1 611 ? 24.803  -2.466  -20.229 1.00 64.59  ? 624 UNK A CA 1 
ATOM   612 C  CA . UNK A 1 612 ? 22.363  -1.060  -17.769 1.00 66.96  ? 625 UNK A CA 1 
ATOM   613 C  CA . UNK A 1 613 ? 19.570  -1.196  -20.370 1.00 72.76  ? 626 UNK A CA 1 
ATOM   614 C  CA . UNK A 1 614 ? 20.113  -4.981  -20.422 1.00 74.96  ? 627 UNK A CA 1 
ATOM   615 C  CA . UNK A 1 615 ? 20.549  -5.300  -16.653 1.00 76.75  ? 628 UNK A CA 1 
ATOM   616 C  CA . UNK A 1 616 ? 17.230  -3.446  -16.869 1.00 78.81  ? 629 UNK A CA 1 
ATOM   617 C  CA . UNK A 1 617 ? 15.976  -6.488  -18.717 1.00 75.11  ? 630 UNK A CA 1 
ATOM   618 C  CA . UNK A 1 618 ? 16.559  -9.628  -16.738 1.00 73.32  ? 631 UNK A CA 1 
ATOM   619 C  CA . UNK A 1 619 ? 15.492  -8.263  -13.324 1.00 79.55  ? 632 UNK A CA 1 
ATOM   620 C  CA . UNK A 1 620 ? 11.829  -8.182  -14.289 1.00 90.19  ? 633 UNK A CA 1 
ATOM   621 C  CA . UNK A 1 621 ? 11.349  -10.586 -17.175 1.00 98.27  ? 634 UNK A CA 1 
ATOM   622 C  CA . UNK A 1 622 ? 14.203  -12.531 -13.179 1.00 61.90  ? 635 UNK A CA 1 
ATOM   623 C  CA . UNK A 1 623 ? 16.154  -14.359 -15.974 1.00 68.67  ? 636 UNK A CA 1 
ATOM   624 C  CA . UNK A 1 624 ? 19.463  -14.548 -17.989 1.00 81.75  ? 637 UNK A CA 1 
ATOM   625 C  CA . UNK A 1 625 ? 21.117  -12.832 -21.038 1.00 88.64  ? 638 UNK A CA 1 
ATOM   626 C  CA . UNK A 1 626 ? 21.337  -15.091 -24.097 1.00 93.23  ? 639 UNK A CA 1 
ATOM   627 C  CA . UNK A 1 627 ? 17.588  -15.160 -23.575 1.00 92.72  ? 640 UNK A CA 1 
ATOM   628 C  CA . UNK A 1 628 ? 17.077  -11.437 -24.096 1.00 95.46  ? 641 UNK A CA 1 
ATOM   629 C  CA . UNK A 1 629 ? 15.480  -12.158 -27.474 1.00 101.33 ? 642 UNK A CA 1 
ATOM   630 C  CA . UNK A 1 630 ? 12.485  -14.471 -28.004 1.00 107.52 ? 643 UNK A CA 1 
ATOM   631 C  CA . UNK A 1 631 ? 11.128  -12.971 -24.809 1.00 110.85 ? 644 UNK A CA 1 
ATOM   632 C  CA . UNK A 1 632 ? 9.085   -10.605 -26.950 1.00 112.49 ? 645 UNK A CA 1 
ATOM   633 C  CA . UNK A 1 633 ? 6.407   -13.328 -26.879 1.00 113.48 ? 646 UNK A CA 1 
ATOM   634 C  CA . UNK A 1 634 ? 3.668   -13.872 -24.245 1.00 116.57 ? 647 UNK A CA 1 
ATOM   635 C  CA . UNK A 1 635 ? 5.060   -16.978 -22.469 1.00 117.72 ? 648 UNK A CA 1 
ATOM   636 C  CA . UNK A 1 636 ? 7.969   -18.403 -20.513 1.00 110.74 ? 649 UNK A CA 1 
ATOM   637 C  CA . UNK A 1 637 ? 6.936   -19.866 -17.173 1.00 99.26  ? 650 UNK A CA 1 
ATOM   638 C  CA . UNK A 1 638 ? 10.416  -18.256 -16.922 1.00 94.32  ? 651 UNK A CA 1 
ATOM   639 C  CA . UNK A 1 639 ? 11.816  -21.776 -16.898 1.00 92.92  ? 652 UNK A CA 1 
ATOM   640 C  CA . UNK A 1 640 ? 9.989   -22.369 -20.217 1.00 87.40  ? 653 UNK A CA 1 
ATOM   641 C  CA . UNK A 1 641 ? 12.184  -19.974 -22.160 1.00 84.92  ? 654 UNK A CA 1 
ATOM   642 C  CA . UNK A 1 642 ? 15.130  -22.063 -21.083 1.00 89.84  ? 655 UNK A CA 1 
ATOM   643 C  CA . UNK A 1 643 ? 13.814  -25.323 -22.549 1.00 92.70  ? 656 UNK A CA 1 
ATOM   644 C  CA . UNK A 1 644 ? 12.418  -23.065 -25.310 1.00 94.67  ? 657 UNK A CA 1 
ATOM   645 C  CA . UNK A 1 645 ? 16.088  -22.586 -26.087 1.00 98.37  ? 658 UNK A CA 1 
ATOM   646 C  CA . UNK A 1 646 ? 17.915  -25.898 -26.203 1.00 100.50 ? 659 UNK A CA 1 
ATOM   647 C  CA . UNK A 1 647 ? 16.336  -25.996 -29.688 1.00 100.70 ? 660 UNK A CA 1 
ATOM   648 C  CA . UNK A 1 648 ? 15.640  -22.475 -30.982 1.00 100.64 ? 661 UNK A CA 1 
HETATM 649 MG MG . MG  B 2 .   ? -12.865 2.046   1.016   1.00 23.70  ? 1   MG  A MG 1 
# 
